data_7B6G
#
_entry.id   7B6G
#
_cell.length_a   58.276
_cell.length_b   58.293
_cell.length_c   74.115
_cell.angle_alpha   97.234
_cell.angle_beta   91.447
_cell.angle_gamma   105.313
#
_symmetry.space_group_name_H-M   'P 1'
#
loop_
_entity.id
_entity.type
_entity.pdbx_description
1 polymer 'UDP-N-acetylmuramoyl-L-alanyl-D-glutamate--2,6-diaminopimelate ligase'
2 non-polymer 'DIMETHYL SULFOXIDE'
3 non-polymer trans-3-[(2,6-dimethylpyrimidin-4-yl)(methyl)amino]cyclobutan-1-ol
4 water water
#
_entity_poly.entity_id   1
_entity_poly.type   'polypeptide(L)'
_entity_poly.pdbx_seq_one_letter_code
;SMADRNLRDLLAPWVPDAPSRALREMTLDSRVAAAGDLFVAVVGHQADGRRYIPQAIAQGVAAIIAEAKDEATDGEIREM
HGVPVIYLSQLNERLSALAGRFYHEPSDNLRLVGVTGTNGKTTTTQLLAQWSQLLGEISAVMGTVGNGLLGKVIPTENTT
GSAVDVQHELAGLVDQGATFCAMEVSSHGLVQHRVAALKFAASVFTNLSRDHLDYHGDMEHYEAAKWLLYSEHHCGQAII
NADDEVGRRWLAKLPDAVAVSMEDHINPNCHGRWLKATEVNYHDSGATIRFSSSWGDGEIESHLMGAFNVSNLLLALATL
LALGYPLADLLKTAARLQPVCGRMEVFTAPGKPTVVVDYAHTPDALEKALQAARLHCAGKLWCVFGCGGDRDKGKRPLMG
AIAEEFADVAVVTDDNPRTEEPRAIINDILAGMLDAGHAKVMEGRAEAVTCAVMQAKENDVVLVAGKGHEDYQIVGNQRL
DYSDRVTVARLLGVIA
;
_entity_poly.pdbx_strand_id   AAA,BBB
#
# COMPACT_ATOMS: atom_id res chain seq x y z
N ARG A 5 16.49 7.34 -17.22
CA ARG A 5 15.18 7.86 -17.72
C ARG A 5 15.22 8.02 -19.24
N ASN A 6 14.18 7.57 -19.94
CA ASN A 6 14.19 7.48 -21.42
C ASN A 6 12.87 8.00 -21.98
N LEU A 7 12.93 8.94 -22.93
CA LEU A 7 11.74 9.48 -23.62
C LEU A 7 10.80 8.33 -24.01
N ARG A 8 11.37 7.26 -24.57
CA ARG A 8 10.62 6.10 -25.10
C ARG A 8 9.82 5.47 -23.95
N ASP A 9 10.52 5.08 -22.87
CA ASP A 9 9.89 4.47 -21.68
C ASP A 9 8.86 5.45 -21.10
N LEU A 10 9.25 6.71 -20.89
CA LEU A 10 8.39 7.75 -20.30
C LEU A 10 7.04 7.79 -21.03
N LEU A 11 7.06 7.78 -22.36
CA LEU A 11 5.84 8.00 -23.20
C LEU A 11 5.09 6.72 -23.59
N ALA A 12 5.59 5.52 -23.26
CA ALA A 12 5.02 4.21 -23.70
C ALA A 12 3.51 4.14 -23.46
N PRO A 13 2.94 4.53 -22.30
CA PRO A 13 1.50 4.43 -22.08
C PRO A 13 0.66 5.25 -23.08
N TRP A 14 1.25 6.30 -23.68
CA TRP A 14 0.49 7.29 -24.50
C TRP A 14 0.98 7.29 -25.96
N VAL A 15 2.28 7.26 -26.20
CA VAL A 15 2.86 7.37 -27.58
C VAL A 15 3.77 6.17 -27.81
N PRO A 16 3.30 5.08 -28.46
CA PRO A 16 4.14 3.88 -28.65
C PRO A 16 5.34 4.10 -29.61
N ASP A 17 5.34 5.15 -30.43
CA ASP A 17 6.36 5.30 -31.51
C ASP A 17 7.55 6.16 -31.05
N ALA A 18 7.59 6.62 -29.79
CA ALA A 18 8.48 7.71 -29.32
C ALA A 18 9.95 7.28 -29.45
N PRO A 19 10.83 8.16 -29.97
CA PRO A 19 12.27 7.90 -30.01
C PRO A 19 12.93 7.53 -28.66
N SER A 20 13.91 6.63 -28.68
CA SER A 20 14.79 6.32 -27.52
C SER A 20 15.82 7.45 -27.36
N ARG A 21 15.77 8.16 -26.23
CA ARG A 21 16.68 9.30 -25.91
C ARG A 21 16.80 9.38 -24.39
N ALA A 22 18.02 9.44 -23.87
CA ALA A 22 18.31 9.55 -22.42
C ALA A 22 17.87 10.94 -21.94
N LEU A 23 17.34 11.03 -20.73
CA LEU A 23 16.81 12.30 -20.17
C LEU A 23 17.39 12.46 -18.76
N ARG A 24 17.80 13.68 -18.37
CA ARG A 24 18.37 14.01 -17.04
C ARG A 24 17.24 14.40 -16.09
N GLU A 25 16.87 15.69 -16.09
CA GLU A 25 15.79 16.31 -15.29
C GLU A 25 14.61 16.68 -16.19
N MET A 26 13.47 16.93 -15.57
CA MET A 26 12.24 17.38 -16.27
C MET A 26 11.96 18.79 -15.78
N THR A 27 11.76 19.75 -16.69
CA THR A 27 11.54 21.17 -16.30
C THR A 27 10.52 21.85 -17.23
N LEU A 28 9.75 22.77 -16.64
CA LEU A 28 8.77 23.66 -17.33
C LEU A 28 9.44 24.95 -17.76
N ASP A 29 10.59 25.30 -17.19
CA ASP A 29 11.20 26.64 -17.37
C ASP A 29 12.37 26.55 -18.36
N SER A 30 12.23 27.17 -19.54
CA SER A 30 13.30 27.23 -20.58
C SER A 30 14.61 27.82 -20.02
N ARG A 31 14.55 28.65 -18.96
CA ARG A 31 15.77 29.31 -18.41
C ARG A 31 16.70 28.30 -17.73
N VAL A 32 16.19 27.33 -16.97
CA VAL A 32 17.01 26.32 -16.25
C VAL A 32 17.23 25.07 -17.14
N ALA A 33 16.53 24.97 -18.27
CA ALA A 33 16.61 23.81 -19.19
C ALA A 33 18.06 23.58 -19.63
N ALA A 34 18.74 22.60 -19.02
CA ALA A 34 20.17 22.26 -19.25
C ALA A 34 20.29 21.12 -20.28
N ALA A 35 21.53 20.86 -20.73
CA ALA A 35 21.89 19.76 -21.63
C ALA A 35 21.34 18.45 -21.07
N GLY A 36 20.70 17.64 -21.93
CA GLY A 36 20.14 16.31 -21.57
C GLY A 36 18.74 16.39 -20.96
N ASP A 37 18.25 17.58 -20.61
CA ASP A 37 16.94 17.75 -19.91
C ASP A 37 15.77 17.41 -20.83
N LEU A 38 14.62 17.13 -20.21
CA LEU A 38 13.28 17.14 -20.88
C LEU A 38 12.63 18.49 -20.61
N PHE A 39 12.34 19.26 -21.65
CA PHE A 39 11.62 20.55 -21.56
C PHE A 39 10.14 20.28 -21.85
N VAL A 40 9.28 20.72 -20.95
CA VAL A 40 7.81 20.57 -21.12
C VAL A 40 7.22 21.94 -21.35
N ALA A 41 6.64 22.12 -22.54
CA ALA A 41 6.13 23.39 -23.08
C ALA A 41 4.60 23.37 -22.98
N VAL A 42 4.09 24.08 -21.96
CA VAL A 42 2.64 24.11 -21.62
C VAL A 42 2.07 25.50 -21.90
N VAL A 43 0.75 25.60 -22.03
CA VAL A 43 0.01 26.90 -22.17
C VAL A 43 -0.68 27.15 -20.83
N GLY A 44 -0.33 28.25 -20.17
CA GLY A 44 -0.83 28.62 -18.82
C GLY A 44 -1.63 29.90 -18.84
N HIS A 45 -1.47 30.74 -17.80
CA HIS A 45 -2.04 32.11 -17.68
C HIS A 45 -1.39 33.03 -18.75
N GLN A 46 -1.98 33.09 -19.95
CA GLN A 46 -1.51 33.92 -21.11
C GLN A 46 -0.04 33.66 -21.48
N ALA A 47 0.61 32.63 -20.90
CA ALA A 47 2.02 32.22 -21.13
C ALA A 47 2.05 30.93 -21.96
N ASP A 48 2.78 30.92 -23.09
CA ASP A 48 2.85 29.77 -24.04
C ASP A 48 4.30 29.27 -24.13
N GLY A 49 4.63 28.22 -23.36
CA GLY A 49 5.96 27.58 -23.29
C GLY A 49 6.46 27.13 -24.66
N ARG A 50 5.59 26.96 -25.66
CA ARG A 50 5.98 26.56 -27.04
C ARG A 50 6.79 27.69 -27.70
N ARG A 51 6.55 28.94 -27.29
CA ARG A 51 7.34 30.12 -27.74
C ARG A 51 8.82 29.85 -27.46
N TYR A 52 9.13 29.18 -26.34
CA TYR A 52 10.52 29.01 -25.84
C TYR A 52 11.16 27.69 -26.33
N ILE A 53 10.61 27.05 -27.37
CA ILE A 53 11.15 25.73 -27.86
C ILE A 53 12.54 25.92 -28.51
N PRO A 54 12.73 26.91 -29.43
CA PRO A 54 14.02 27.07 -30.11
C PRO A 54 15.17 27.40 -29.14
N GLN A 55 14.90 28.23 -28.12
CA GLN A 55 15.85 28.63 -27.05
C GLN A 55 16.25 27.42 -26.19
N ALA A 56 15.27 26.57 -25.85
CA ALA A 56 15.47 25.30 -25.12
C ALA A 56 16.35 24.37 -25.94
N ILE A 57 16.01 24.14 -27.21
CA ILE A 57 16.83 23.39 -28.20
C ILE A 57 18.26 23.94 -28.19
N ALA A 58 18.44 25.27 -28.18
CA ALA A 58 19.76 25.94 -28.27
C ALA A 58 20.58 25.70 -27.00
N GLN A 59 19.93 25.35 -25.88
CA GLN A 59 20.61 25.03 -24.58
C GLN A 59 20.92 23.53 -24.49
N GLY A 60 20.61 22.75 -25.53
CA GLY A 60 20.91 21.31 -25.68
C GLY A 60 19.98 20.40 -24.90
N VAL A 61 18.69 20.71 -24.78
CA VAL A 61 17.71 19.76 -24.17
C VAL A 61 17.72 18.48 -25.02
N ALA A 62 17.59 17.32 -24.37
CA ALA A 62 17.50 15.99 -25.03
C ALA A 62 16.17 15.85 -25.82
N ALA A 63 15.07 16.40 -25.33
CA ALA A 63 13.73 16.28 -25.96
C ALA A 63 12.72 17.24 -25.32
N ILE A 64 11.60 17.43 -26.01
CA ILE A 64 10.54 18.41 -25.66
C ILE A 64 9.20 17.68 -25.77
N ILE A 65 8.36 17.88 -24.77
CA ILE A 65 6.92 17.51 -24.83
C ILE A 65 6.14 18.83 -24.75
N ALA A 66 5.13 19.01 -25.60
CA ALA A 66 4.50 20.32 -25.90
C ALA A 66 3.00 20.14 -26.11
N GLU A 67 2.22 21.14 -25.70
CA GLU A 67 0.76 21.24 -25.98
C GLU A 67 0.55 21.11 -27.49
N ALA A 68 -0.36 20.22 -27.91
CA ALA A 68 -0.76 19.97 -29.32
C ALA A 68 -1.81 20.98 -29.81
N LYS A 69 -2.49 21.68 -28.88
CA LYS A 69 -3.62 22.61 -29.13
C LYS A 69 -3.25 23.58 -30.26
N ASP A 70 -3.95 23.48 -31.40
CA ASP A 70 -3.82 24.35 -32.61
C ASP A 70 -2.63 23.94 -33.47
N GLU A 71 -1.63 23.25 -32.88
CA GLU A 71 -0.29 23.11 -33.48
C GLU A 71 -0.11 21.68 -34.02
N ALA A 72 -0.65 20.65 -33.36
CA ALA A 72 -0.43 19.24 -33.78
C ALA A 72 -1.54 18.32 -33.31
N THR A 73 -1.49 17.05 -33.76
CA THR A 73 -2.37 15.94 -33.31
C THR A 73 -1.74 15.31 -32.05
N ASP A 74 -2.59 14.79 -31.15
CA ASP A 74 -2.12 14.14 -29.90
C ASP A 74 -1.19 12.99 -30.27
N GLY A 75 0.01 12.98 -29.70
CA GLY A 75 1.03 11.95 -29.97
C GLY A 75 1.75 12.20 -31.28
N GLU A 76 1.58 13.36 -31.92
CA GLU A 76 2.32 13.70 -33.16
C GLU A 76 3.80 13.86 -32.77
N ILE A 77 4.67 13.06 -33.38
CA ILE A 77 6.15 13.06 -33.20
C ILE A 77 6.77 13.90 -34.31
N ARG A 78 7.36 15.04 -33.96
CA ARG A 78 8.20 15.87 -34.85
C ARG A 78 9.64 15.88 -34.34
N GLU A 79 10.55 16.53 -35.08
CA GLU A 79 12.02 16.50 -34.84
C GLU A 79 12.57 17.83 -35.35
N MET A 80 13.08 18.69 -34.46
CA MET A 80 13.62 20.03 -34.78
C MET A 80 15.08 20.11 -34.32
N HIS A 81 16.02 20.32 -35.25
CA HIS A 81 17.48 20.37 -34.98
C HIS A 81 17.92 19.05 -34.34
N GLY A 82 17.36 17.93 -34.82
CA GLY A 82 17.63 16.57 -34.31
C GLY A 82 17.11 16.34 -32.90
N VAL A 83 16.28 17.25 -32.34
CA VAL A 83 15.66 17.12 -30.99
C VAL A 83 14.22 16.66 -31.13
N PRO A 84 13.83 15.48 -30.59
CA PRO A 84 12.45 15.02 -30.65
C PRO A 84 11.52 16.03 -29.94
N VAL A 85 10.43 16.41 -30.60
CA VAL A 85 9.36 17.28 -30.05
C VAL A 85 8.06 16.48 -30.20
N ILE A 86 7.50 16.04 -29.07
CA ILE A 86 6.27 15.21 -29.03
C ILE A 86 5.15 16.10 -28.49
N TYR A 87 4.00 16.10 -29.18
CA TYR A 87 2.83 16.94 -28.84
C TYR A 87 1.76 16.06 -28.21
N LEU A 88 1.24 16.53 -27.08
CA LEU A 88 0.16 15.86 -26.30
C LEU A 88 -0.96 16.88 -26.09
N SER A 89 -2.21 16.47 -26.37
N SER A 89 -2.21 16.45 -26.32
CA SER A 89 -3.45 17.21 -26.03
CA SER A 89 -3.45 17.23 -26.05
C SER A 89 -3.56 17.33 -24.50
C SER A 89 -3.70 17.28 -24.54
N GLN A 90 -4.10 18.45 -24.01
CA GLN A 90 -4.52 18.64 -22.60
C GLN A 90 -3.33 18.30 -21.71
N LEU A 91 -2.17 18.86 -22.04
CA LEU A 91 -0.89 18.58 -21.35
C LEU A 91 -0.96 19.04 -19.88
N ASN A 92 -1.69 20.12 -19.56
CA ASN A 92 -1.80 20.61 -18.15
C ASN A 92 -2.41 19.50 -17.29
N GLU A 93 -3.33 18.71 -17.87
CA GLU A 93 -4.11 17.66 -17.16
C GLU A 93 -3.23 16.43 -16.93
N ARG A 94 -2.22 16.21 -17.79
CA ARG A 94 -1.44 14.95 -17.85
C ARG A 94 -0.05 15.17 -17.22
N LEU A 95 0.28 16.42 -16.91
CA LEU A 95 1.60 16.78 -16.37
C LEU A 95 1.87 15.93 -15.13
N SER A 96 0.90 15.83 -14.21
CA SER A 96 1.10 15.03 -12.97
C SER A 96 1.43 13.57 -13.31
N ALA A 97 0.65 12.95 -14.20
CA ALA A 97 0.91 11.54 -14.60
C ALA A 97 2.30 11.44 -15.25
N LEU A 98 2.67 12.42 -16.06
CA LEU A 98 3.92 12.39 -16.85
C LEU A 98 5.11 12.49 -15.89
N ALA A 99 5.03 13.45 -14.95
CA ALA A 99 6.07 13.67 -13.92
C ALA A 99 6.10 12.47 -12.97
N GLY A 100 4.93 11.94 -12.59
CA GLY A 100 4.81 10.68 -11.82
C GLY A 100 5.63 9.55 -12.45
N ARG A 101 5.42 9.29 -13.73
CA ARG A 101 6.16 8.21 -14.45
C ARG A 101 7.66 8.56 -14.48
N PHE A 102 8.01 9.80 -14.77
CA PHE A 102 9.40 10.30 -14.84
C PHE A 102 10.10 10.04 -13.51
N TYR A 103 9.44 10.27 -12.36
CA TYR A 103 10.10 10.18 -11.03
C TYR A 103 9.84 8.83 -10.34
N HIS A 104 9.45 7.80 -11.10
CA HIS A 104 9.27 6.39 -10.64
C HIS A 104 8.14 6.31 -9.62
N GLU A 105 7.06 7.06 -9.85
CA GLU A 105 5.77 6.90 -9.13
C GLU A 105 6.05 6.94 -7.62
N PRO A 106 6.52 8.08 -7.08
CA PRO A 106 6.87 8.16 -5.66
C PRO A 106 5.69 7.93 -4.70
N SER A 107 4.45 8.22 -5.10
CA SER A 107 3.27 7.99 -4.22
C SER A 107 2.93 6.49 -4.09
N ASP A 108 3.54 5.61 -4.88
CA ASP A 108 3.38 4.14 -4.84
C ASP A 108 4.52 3.55 -3.99
N ASN A 109 5.47 4.39 -3.53
CA ASN A 109 6.63 3.91 -2.72
C ASN A 109 6.62 4.55 -1.32
N LEU A 110 5.51 5.19 -0.94
CA LEU A 110 5.27 5.57 0.47
C LEU A 110 3.76 5.75 0.68
N ARG A 111 3.33 5.85 1.95
N ARG A 111 3.35 5.87 1.95
CA ARG A 111 1.91 6.06 2.33
CA ARG A 111 1.95 6.09 2.38
C ARG A 111 1.67 7.57 2.32
C ARG A 111 1.68 7.60 2.31
N LEU A 112 0.94 8.06 1.30
CA LEU A 112 0.65 9.49 1.06
C LEU A 112 -0.74 9.80 1.61
N VAL A 113 -0.84 10.72 2.57
CA VAL A 113 -2.14 11.25 3.06
C VAL A 113 -2.25 12.73 2.68
N GLY A 114 -3.31 13.06 1.93
CA GLY A 114 -3.67 14.42 1.53
C GLY A 114 -4.67 15.01 2.51
N VAL A 115 -4.47 16.26 2.92
CA VAL A 115 -5.44 17.00 3.79
C VAL A 115 -5.89 18.22 3.00
N THR A 116 -7.21 18.40 2.80
CA THR A 116 -7.81 19.57 2.09
C THR A 116 -8.84 20.24 3.00
N GLY A 117 -9.15 21.50 2.71
CA GLY A 117 -10.04 22.35 3.52
C GLY A 117 -9.40 23.69 3.79
N THR A 118 -10.14 24.62 4.38
CA THR A 118 -9.68 26.01 4.53
C THR A 118 -8.71 26.08 5.72
N ASN A 119 -8.98 25.34 6.80
CA ASN A 119 -8.20 25.45 8.07
C ASN A 119 -7.71 24.10 8.54
N GLY A 120 -6.84 24.12 9.55
CA GLY A 120 -6.39 22.90 10.24
C GLY A 120 -5.58 22.02 9.34
N LYS A 121 -5.21 22.46 8.12
N LYS A 121 -5.22 22.50 8.14
CA LYS A 121 -4.42 21.63 7.17
CA LYS A 121 -4.44 21.77 7.12
C LYS A 121 -3.00 21.48 7.71
C LYS A 121 -3.03 21.52 7.66
N THR A 122 -2.40 22.56 8.20
CA THR A 122 -0.98 22.50 8.65
C THR A 122 -0.91 21.57 9.85
N THR A 123 -1.76 21.85 10.84
CA THR A 123 -1.78 21.11 12.13
C THR A 123 -2.10 19.64 11.86
N THR A 124 -3.16 19.35 11.12
CA THR A 124 -3.59 17.96 10.81
C THR A 124 -2.44 17.20 10.11
N THR A 125 -1.77 17.79 9.11
CA THR A 125 -0.63 17.12 8.41
C THR A 125 0.52 16.89 9.40
N GLN A 126 0.81 17.87 10.26
CA GLN A 126 1.88 17.73 11.28
C GLN A 126 1.55 16.58 12.25
N LEU A 127 0.31 16.51 12.74
CA LEU A 127 -0.13 15.43 13.64
C LEU A 127 0.01 14.08 12.90
N LEU A 128 -0.44 14.00 11.64
CA LEU A 128 -0.39 12.70 10.89
C LEU A 128 1.08 12.26 10.78
N ALA A 129 1.95 13.18 10.40
CA ALA A 129 3.40 12.93 10.23
C ALA A 129 4.02 12.53 11.58
N GLN A 130 3.73 13.24 12.69
CA GLN A 130 4.30 12.92 14.04
C GLN A 130 3.82 11.55 14.52
N TRP A 131 2.52 11.31 14.44
CA TRP A 131 1.88 10.11 15.02
C TRP A 131 2.37 8.86 14.28
N SER A 132 2.31 8.88 12.95
CA SER A 132 2.81 7.78 12.10
C SER A 132 4.30 7.55 12.43
N GLN A 133 5.11 8.60 12.66
CA GLN A 133 6.56 8.42 12.96
C GLN A 133 6.72 7.76 14.34
N LEU A 134 5.91 8.14 15.32
CA LEU A 134 5.92 7.49 16.66
C LEU A 134 5.55 6.02 16.54
N LEU A 135 4.72 5.63 15.58
CA LEU A 135 4.35 4.20 15.36
C LEU A 135 5.42 3.50 14.50
N GLY A 136 6.48 4.20 14.10
CA GLY A 136 7.67 3.59 13.50
C GLY A 136 7.86 3.95 12.02
N GLU A 137 7.00 4.77 11.43
CA GLU A 137 7.23 5.28 10.06
C GLU A 137 8.41 6.25 10.10
N ILE A 138 9.06 6.48 8.96
CA ILE A 138 9.89 7.70 8.73
C ILE A 138 9.02 8.70 7.96
N SER A 139 8.63 9.78 8.64
CA SER A 139 7.51 10.65 8.20
C SER A 139 8.02 11.99 7.67
N ALA A 140 7.29 12.55 6.72
CA ALA A 140 7.61 13.81 6.03
C ALA A 140 6.30 14.58 5.85
N VAL A 141 6.42 15.88 5.59
CA VAL A 141 5.27 16.77 5.32
C VAL A 141 5.58 17.49 4.02
N MET A 142 4.54 17.80 3.28
CA MET A 142 4.59 18.79 2.20
C MET A 142 3.46 19.78 2.46
N GLY A 143 3.76 21.06 2.66
CA GLY A 143 2.73 22.08 2.88
C GLY A 143 3.27 23.50 3.00
N THR A 144 2.54 24.36 3.70
CA THR A 144 2.65 25.84 3.60
C THR A 144 3.95 26.32 4.28
N VAL A 145 4.43 25.58 5.29
CA VAL A 145 5.68 25.90 6.06
C VAL A 145 6.87 25.14 5.46
N GLY A 146 6.65 24.37 4.38
CA GLY A 146 7.70 23.78 3.51
C GLY A 146 7.65 22.26 3.49
N ASN A 147 8.63 21.63 2.81
CA ASN A 147 8.71 20.16 2.60
C ASN A 147 9.89 19.59 3.36
N GLY A 148 9.79 18.34 3.80
CA GLY A 148 10.94 17.56 4.29
C GLY A 148 10.55 16.48 5.27
N LEU A 149 11.53 15.66 5.63
CA LEU A 149 11.42 14.77 6.81
C LEU A 149 11.08 15.65 8.03
N LEU A 150 10.34 15.10 8.99
CA LEU A 150 10.03 15.79 10.28
C LEU A 150 11.28 16.43 10.89
N GLY A 151 11.17 17.70 11.30
CA GLY A 151 12.23 18.47 11.98
C GLY A 151 13.26 19.04 11.01
N LYS A 152 13.13 18.75 9.72
CA LYS A 152 14.07 19.19 8.66
C LYS A 152 13.25 19.70 7.47
N VAL A 153 12.25 20.52 7.75
CA VAL A 153 11.27 21.06 6.76
C VAL A 153 11.84 22.36 6.19
N ILE A 154 12.23 22.33 4.91
CA ILE A 154 12.87 23.44 4.15
C ILE A 154 11.78 24.26 3.46
N PRO A 155 11.67 25.59 3.70
CA PRO A 155 10.66 26.41 3.03
C PRO A 155 10.82 26.61 1.51
N GLY A 161 4.85 26.22 -7.50
CA GLY A 161 4.79 24.76 -7.30
C GLY A 161 3.84 24.07 -8.28
N SER A 162 4.39 23.47 -9.32
CA SER A 162 3.66 22.79 -10.43
C SER A 162 3.44 21.30 -10.12
N ALA A 163 2.70 20.60 -10.98
CA ALA A 163 2.50 19.13 -10.93
C ALA A 163 3.87 18.43 -11.00
N VAL A 164 4.83 19.00 -11.74
CA VAL A 164 6.21 18.44 -11.86
C VAL A 164 6.94 18.58 -10.52
N ASP A 165 6.94 19.77 -9.91
CA ASP A 165 7.63 20.08 -8.62
C ASP A 165 7.13 19.13 -7.52
N VAL A 166 5.82 18.92 -7.48
CA VAL A 166 5.15 18.03 -6.48
C VAL A 166 5.75 16.63 -6.59
N GLN A 167 5.83 16.08 -7.81
CA GLN A 167 6.25 14.68 -8.05
C GLN A 167 7.74 14.56 -7.73
N HIS A 168 8.52 15.58 -8.14
CA HIS A 168 9.99 15.72 -7.91
C HIS A 168 10.27 15.76 -6.41
N GLU A 169 9.58 16.64 -5.67
CA GLU A 169 9.71 16.79 -4.20
C GLU A 169 9.36 15.46 -3.52
N LEU A 170 8.28 14.79 -3.94
CA LEU A 170 7.86 13.53 -3.28
C LEU A 170 8.94 12.47 -3.52
N ALA A 171 9.50 12.42 -4.74
CA ALA A 171 10.59 11.50 -5.11
C ALA A 171 11.81 11.80 -4.23
N GLY A 172 12.11 13.07 -3.99
CA GLY A 172 13.22 13.49 -3.11
C GLY A 172 13.04 12.94 -1.70
N LEU A 173 11.83 13.03 -1.16
CA LEU A 173 11.50 12.46 0.16
C LEU A 173 11.63 10.94 0.12
N VAL A 174 11.22 10.30 -1.00
CA VAL A 174 11.32 8.82 -1.14
C VAL A 174 12.80 8.47 -1.06
N ASP A 175 13.66 9.28 -1.68
CA ASP A 175 15.13 9.06 -1.76
C ASP A 175 15.79 9.25 -0.39
N GLN A 176 15.26 10.14 0.46
CA GLN A 176 15.76 10.37 1.84
C GLN A 176 15.19 9.34 2.83
N GLY A 177 14.45 8.33 2.35
CA GLY A 177 13.97 7.20 3.17
C GLY A 177 12.54 7.35 3.70
N ALA A 178 11.82 8.43 3.36
CA ALA A 178 10.42 8.63 3.86
C ALA A 178 9.58 7.39 3.53
N THR A 179 8.76 6.88 4.46
CA THR A 179 7.75 5.81 4.23
C THR A 179 6.33 6.36 4.41
N PHE A 180 6.19 7.61 4.86
CA PHE A 180 4.89 8.28 5.13
C PHE A 180 5.03 9.77 4.77
N CYS A 181 4.05 10.31 4.06
CA CYS A 181 4.02 11.76 3.77
C CYS A 181 2.62 12.31 3.97
N ALA A 182 2.50 13.32 4.83
CA ALA A 182 1.27 14.12 5.02
C ALA A 182 1.40 15.39 4.18
N MET A 183 0.46 15.58 3.26
CA MET A 183 0.47 16.65 2.24
C MET A 183 -0.74 17.56 2.43
N GLU A 184 -0.51 18.87 2.58
CA GLU A 184 -1.57 19.90 2.43
C GLU A 184 -1.90 19.99 0.94
N VAL A 185 -3.18 19.84 0.58
CA VAL A 185 -3.68 20.06 -0.81
C VAL A 185 -4.53 21.34 -0.81
N SER A 186 -3.99 22.42 -1.34
CA SER A 186 -4.70 23.72 -1.53
C SER A 186 -5.88 23.51 -2.47
N SER A 187 -7.00 24.18 -2.23
CA SER A 187 -8.16 24.18 -3.17
C SER A 187 -7.64 24.50 -4.58
N HIS A 188 -6.66 25.41 -4.66
CA HIS A 188 -6.06 25.95 -5.91
C HIS A 188 -5.21 24.87 -6.60
N GLY A 189 -4.43 24.09 -5.85
CA GLY A 189 -3.62 22.98 -6.37
C GLY A 189 -4.45 21.91 -7.05
N LEU A 190 -5.56 21.50 -6.41
CA LEU A 190 -6.45 20.41 -6.89
C LEU A 190 -7.05 20.82 -8.23
N VAL A 191 -7.51 22.07 -8.35
CA VAL A 191 -8.25 22.56 -9.56
C VAL A 191 -7.27 22.72 -10.75
N GLN A 192 -6.00 22.99 -10.48
CA GLN A 192 -4.94 23.16 -11.51
C GLN A 192 -4.24 21.84 -11.83
N HIS A 193 -4.76 20.72 -11.33
CA HIS A 193 -4.30 19.34 -11.67
C HIS A 193 -2.87 19.10 -11.13
N ARG A 194 -2.46 19.79 -10.06
CA ARG A 194 -1.11 19.64 -9.45
C ARG A 194 -0.99 18.34 -8.68
N VAL A 195 -2.10 17.67 -8.32
CA VAL A 195 -1.97 16.35 -7.63
C VAL A 195 -2.78 15.29 -8.36
N ALA A 196 -3.04 15.48 -9.66
CA ALA A 196 -4.01 14.65 -10.42
C ALA A 196 -3.57 13.17 -10.43
N ALA A 197 -2.28 12.83 -10.49
CA ALA A 197 -1.84 11.42 -10.64
C ALA A 197 -1.34 10.82 -9.32
N LEU A 198 -1.38 11.53 -8.19
CA LEU A 198 -0.83 10.96 -6.93
C LEU A 198 -1.79 9.91 -6.38
N LYS A 199 -1.22 8.78 -5.94
CA LYS A 199 -1.94 7.71 -5.22
C LYS A 199 -2.01 8.10 -3.74
N PHE A 200 -3.14 8.69 -3.34
CA PHE A 200 -3.43 9.01 -1.92
C PHE A 200 -3.91 7.75 -1.20
N ALA A 201 -3.25 7.37 -0.12
CA ALA A 201 -3.71 6.29 0.76
C ALA A 201 -5.00 6.75 1.45
N ALA A 202 -5.10 8.04 1.76
CA ALA A 202 -6.24 8.67 2.45
C ALA A 202 -6.32 10.16 2.10
N SER A 203 -7.54 10.69 2.04
CA SER A 203 -7.86 12.12 1.80
C SER A 203 -8.72 12.57 2.99
N VAL A 204 -8.26 13.62 3.68
CA VAL A 204 -8.85 14.15 4.92
C VAL A 204 -9.49 15.49 4.55
N PHE A 205 -10.78 15.66 4.83
CA PHE A 205 -11.50 16.94 4.64
C PHE A 205 -11.72 17.57 6.03
N THR A 206 -11.01 18.66 6.34
CA THR A 206 -11.11 19.38 7.63
C THR A 206 -12.38 20.23 7.67
N ASN A 207 -12.58 21.09 6.66
CA ASN A 207 -13.68 22.10 6.65
C ASN A 207 -13.53 23.00 5.42
N HIS A 212 -18.95 32.64 0.31
CA HIS A 212 -19.59 33.29 -0.86
C HIS A 212 -20.53 32.30 -1.61
N LEU A 213 -21.27 31.48 -0.88
CA LEU A 213 -21.99 30.28 -1.45
C LEU A 213 -23.45 30.26 -0.96
N ASP A 214 -24.08 31.43 -0.86
CA ASP A 214 -25.43 31.61 -0.24
C ASP A 214 -26.53 31.22 -1.24
N TYR A 215 -26.54 31.81 -2.45
CA TYR A 215 -27.38 31.40 -3.61
C TYR A 215 -27.14 29.91 -3.89
N HIS A 216 -28.22 29.11 -3.99
CA HIS A 216 -28.16 27.61 -3.93
C HIS A 216 -27.72 27.03 -5.29
N GLY A 217 -27.69 27.84 -6.36
CA GLY A 217 -27.06 27.47 -7.64
C GLY A 217 -25.54 27.45 -7.52
N ASP A 218 -24.98 28.37 -6.73
CA ASP A 218 -23.51 28.52 -6.52
C ASP A 218 -23.00 27.36 -5.66
N MET A 219 -23.71 27.02 -4.59
CA MET A 219 -23.37 25.82 -3.75
C MET A 219 -23.42 24.56 -4.65
N GLU A 220 -24.40 24.47 -5.55
CA GLU A 220 -24.58 23.31 -6.48
C GLU A 220 -23.43 23.23 -7.49
N HIS A 221 -23.02 24.37 -8.07
CA HIS A 221 -21.92 24.42 -9.08
C HIS A 221 -20.61 24.07 -8.38
N TYR A 222 -20.33 24.74 -7.24
CA TYR A 222 -19.12 24.55 -6.41
C TYR A 222 -18.97 23.07 -6.08
N GLU A 223 -20.02 22.47 -5.49
CA GLU A 223 -20.08 21.02 -5.16
C GLU A 223 -19.84 20.19 -6.41
N ALA A 224 -20.46 20.53 -7.56
CA ALA A 224 -20.41 19.74 -8.82
C ALA A 224 -18.97 19.73 -9.34
N ALA A 225 -18.39 20.92 -9.43
CA ALA A 225 -16.99 21.18 -9.77
C ALA A 225 -16.09 20.30 -8.87
N LYS A 226 -16.34 20.29 -7.55
CA LYS A 226 -15.46 19.58 -6.59
C LYS A 226 -15.70 18.06 -6.72
N TRP A 227 -16.96 17.64 -6.83
CA TRP A 227 -17.26 16.19 -6.94
C TRP A 227 -16.62 15.62 -8.21
N LEU A 228 -16.65 16.37 -9.31
CA LEU A 228 -16.00 15.96 -10.59
C LEU A 228 -14.50 15.74 -10.37
N LEU A 229 -13.79 16.70 -9.78
CA LEU A 229 -12.33 16.63 -9.46
C LEU A 229 -12.03 15.36 -8.65
N TYR A 230 -12.73 15.16 -7.53
CA TYR A 230 -12.45 14.04 -6.59
C TYR A 230 -12.70 12.69 -7.29
N SER A 231 -13.69 12.62 -8.19
CA SER A 231 -14.01 11.39 -8.96
C SER A 231 -12.82 11.00 -9.86
N GLU A 232 -11.98 11.97 -10.23
CA GLU A 232 -10.83 11.77 -11.15
C GLU A 232 -9.55 11.45 -10.37
N HIS A 233 -9.52 11.69 -9.05
CA HIS A 233 -8.31 11.42 -8.22
C HIS A 233 -8.43 10.05 -7.55
N HIS A 234 -7.26 9.46 -7.30
CA HIS A 234 -7.04 8.32 -6.39
C HIS A 234 -7.03 8.86 -4.95
N CYS A 235 -8.20 8.95 -4.32
CA CYS A 235 -8.39 9.58 -2.99
C CYS A 235 -8.11 8.61 -1.85
N GLY A 236 -8.13 7.30 -2.13
CA GLY A 236 -8.05 6.22 -1.14
C GLY A 236 -9.13 6.38 -0.09
N GLN A 237 -8.81 6.14 1.17
CA GLN A 237 -9.82 6.26 2.26
C GLN A 237 -10.17 7.72 2.53
N ALA A 238 -11.47 8.04 2.55
CA ALA A 238 -11.97 9.41 2.75
C ALA A 238 -12.28 9.56 4.25
N ILE A 239 -11.69 10.55 4.91
CA ILE A 239 -11.95 10.86 6.32
C ILE A 239 -12.44 12.30 6.37
N ILE A 240 -13.68 12.49 6.81
CA ILE A 240 -14.46 13.75 6.67
C ILE A 240 -14.94 14.21 8.05
N ASN A 241 -14.74 15.50 8.31
CA ASN A 241 -15.27 16.21 9.49
C ASN A 241 -16.79 16.38 9.29
N ALA A 242 -17.59 15.65 10.05
CA ALA A 242 -19.06 15.74 9.99
C ALA A 242 -19.57 16.96 10.78
N ASP A 243 -18.69 17.78 11.38
CA ASP A 243 -19.07 19.02 12.11
C ASP A 243 -19.22 20.16 11.10
N ASP A 244 -18.71 19.97 9.88
CA ASP A 244 -18.82 20.89 8.72
C ASP A 244 -20.06 20.53 7.90
N GLU A 245 -20.89 21.52 7.53
CA GLU A 245 -22.19 21.25 6.84
C GLU A 245 -21.92 20.61 5.47
N VAL A 246 -20.87 21.02 4.78
CA VAL A 246 -20.52 20.44 3.45
C VAL A 246 -19.94 19.04 3.68
N GLY A 247 -19.12 18.89 4.72
CA GLY A 247 -18.64 17.56 5.15
C GLY A 247 -19.77 16.54 5.24
N ARG A 248 -20.85 16.91 5.93
N ARG A 248 -20.87 16.92 5.90
CA ARG A 248 -22.07 16.07 6.13
CA ARG A 248 -22.05 16.03 6.13
C ARG A 248 -22.64 15.65 4.77
C ARG A 248 -22.71 15.65 4.79
N ARG A 249 -22.96 16.61 3.90
CA ARG A 249 -23.61 16.32 2.59
C ARG A 249 -22.82 15.25 1.85
N TRP A 250 -21.49 15.43 1.79
CA TRP A 250 -20.54 14.51 1.13
C TRP A 250 -20.53 13.13 1.82
N LEU A 251 -20.57 13.08 3.15
CA LEU A 251 -20.63 11.78 3.88
C LEU A 251 -21.90 11.02 3.48
N ALA A 252 -23.02 11.71 3.23
CA ALA A 252 -24.30 11.07 2.82
C ALA A 252 -24.08 10.26 1.53
N LYS A 253 -23.17 10.71 0.67
CA LYS A 253 -22.88 10.14 -0.68
C LYS A 253 -21.68 9.18 -0.66
N LEU A 254 -20.99 9.03 0.48
CA LEU A 254 -19.74 8.23 0.60
C LEU A 254 -19.90 7.21 1.72
N PRO A 255 -20.56 6.07 1.44
CA PRO A 255 -20.84 5.08 2.48
C PRO A 255 -19.56 4.45 3.05
N ASP A 256 -18.42 4.52 2.34
CA ASP A 256 -17.12 3.96 2.84
C ASP A 256 -16.29 5.03 3.57
N ALA A 257 -16.67 6.31 3.53
CA ALA A 257 -15.92 7.40 4.19
C ALA A 257 -16.08 7.28 5.71
N VAL A 258 -15.08 7.72 6.48
CA VAL A 258 -15.15 7.75 7.97
C VAL A 258 -15.71 9.10 8.39
N ALA A 259 -16.74 9.12 9.25
CA ALA A 259 -17.28 10.37 9.82
C ALA A 259 -16.56 10.67 11.15
N VAL A 260 -16.15 11.94 11.33
CA VAL A 260 -15.47 12.40 12.58
C VAL A 260 -16.24 13.62 13.11
N SER A 261 -16.54 13.63 14.40
CA SER A 261 -17.34 14.68 15.06
C SER A 261 -16.91 14.84 16.52
N MET A 262 -16.92 16.08 17.01
CA MET A 262 -16.87 16.39 18.46
C MET A 262 -18.12 17.18 18.86
N GLU A 263 -19.07 17.36 17.92
CA GLU A 263 -20.29 18.19 18.11
C GLU A 263 -21.56 17.34 17.92
N ASP A 264 -21.50 16.01 18.10
CA ASP A 264 -22.66 15.08 18.09
C ASP A 264 -23.32 14.93 16.69
N HIS A 265 -22.55 14.94 15.60
CA HIS A 265 -23.07 14.90 14.20
C HIS A 265 -22.85 13.53 13.55
N ILE A 266 -22.22 12.56 14.23
CA ILE A 266 -22.19 11.13 13.79
C ILE A 266 -23.65 10.63 13.76
N ASN A 267 -24.12 10.22 12.58
CA ASN A 267 -25.42 9.53 12.45
C ASN A 267 -25.15 8.05 12.23
N PRO A 268 -25.26 7.23 13.30
CA PRO A 268 -24.89 5.81 13.22
C PRO A 268 -25.83 4.96 12.33
N ASN A 269 -27.05 5.44 12.01
CA ASN A 269 -27.98 4.74 11.10
C ASN A 269 -27.30 4.53 9.75
N CYS A 270 -26.63 5.56 9.20
CA CYS A 270 -25.97 5.53 7.85
C CYS A 270 -24.45 5.36 8.00
N HIS A 271 -23.72 6.43 8.34
CA HIS A 271 -22.23 6.42 8.55
C HIS A 271 -21.82 5.06 9.11
N GLY A 272 -21.23 4.19 8.27
CA GLY A 272 -20.64 2.89 8.64
C GLY A 272 -19.52 3.06 9.66
N ARG A 273 -18.43 3.76 9.31
CA ARG A 273 -17.24 3.91 10.19
C ARG A 273 -17.19 5.32 10.76
N TRP A 274 -16.89 5.47 12.04
CA TRP A 274 -16.97 6.79 12.70
C TRP A 274 -16.07 6.86 13.92
N LEU A 275 -15.86 8.09 14.39
CA LEU A 275 -15.13 8.44 15.61
C LEU A 275 -15.72 9.76 16.10
N LYS A 276 -16.10 9.82 17.37
CA LYS A 276 -16.67 11.04 17.99
C LYS A 276 -16.08 11.22 19.40
N ALA A 277 -15.75 12.46 19.72
CA ALA A 277 -15.45 12.92 21.09
C ALA A 277 -16.76 12.86 21.84
N THR A 278 -16.81 12.09 22.91
CA THR A 278 -17.99 11.97 23.80
C THR A 278 -17.88 13.08 24.85
N GLU A 279 -16.70 13.25 25.46
CA GLU A 279 -16.48 14.44 26.31
C GLU A 279 -15.02 14.91 26.26
N VAL A 280 -14.86 16.21 26.42
CA VAL A 280 -13.55 16.90 26.39
C VAL A 280 -13.43 17.69 27.68
N ASN A 281 -12.39 17.45 28.46
CA ASN A 281 -12.04 18.34 29.58
C ASN A 281 -10.89 19.24 29.11
N TYR A 282 -11.13 20.53 28.91
CA TYR A 282 -10.08 21.50 28.55
C TYR A 282 -9.45 22.03 29.84
N HIS A 283 -8.20 21.63 30.11
CA HIS A 283 -7.49 21.88 31.39
C HIS A 283 -6.27 22.78 31.16
N ASP A 284 -5.45 22.97 32.19
CA ASP A 284 -4.43 24.04 32.24
C ASP A 284 -3.24 23.64 31.37
N SER A 285 -3.13 22.38 30.92
CA SER A 285 -1.96 21.90 30.13
C SER A 285 -2.35 21.14 28.84
N GLY A 286 -3.61 21.17 28.46
CA GLY A 286 -4.10 20.53 27.23
C GLY A 286 -5.55 20.10 27.37
N ALA A 287 -5.89 18.95 26.78
CA ALA A 287 -7.29 18.50 26.67
C ALA A 287 -7.34 16.99 26.87
N THR A 288 -8.24 16.55 27.73
CA THR A 288 -8.55 15.11 27.92
C THR A 288 -9.77 14.81 27.07
N ILE A 289 -9.56 13.97 26.06
CA ILE A 289 -10.55 13.63 24.99
C ILE A 289 -11.00 12.18 25.22
N ARG A 290 -12.22 11.99 25.69
CA ARG A 290 -12.89 10.66 25.70
C ARG A 290 -13.61 10.50 24.37
N PHE A 291 -13.47 9.34 23.73
CA PHE A 291 -14.04 9.09 22.39
C PHE A 291 -14.55 7.66 22.29
N SER A 292 -15.54 7.48 21.41
N SER A 292 -15.55 7.48 21.42
CA SER A 292 -15.99 6.17 20.90
CA SER A 292 -16.02 6.17 20.89
C SER A 292 -15.76 6.13 19.38
C SER A 292 -15.76 6.14 19.39
N SER A 293 -15.41 4.96 18.86
CA SER A 293 -15.22 4.74 17.40
C SER A 293 -15.63 3.31 17.07
N SER A 294 -15.81 3.06 15.77
CA SER A 294 -16.01 1.72 15.21
C SER A 294 -14.79 0.86 15.49
N TRP A 295 -13.67 1.45 15.88
CA TRP A 295 -12.43 0.71 16.21
C TRP A 295 -12.34 0.47 17.71
N GLY A 296 -13.31 0.95 18.48
CA GLY A 296 -13.30 0.89 19.96
C GLY A 296 -13.09 2.25 20.58
N ASP A 297 -13.07 2.27 21.92
CA ASP A 297 -13.20 3.47 22.77
C ASP A 297 -11.88 3.76 23.45
N GLY A 298 -11.74 4.95 23.98
CA GLY A 298 -10.45 5.39 24.52
C GLY A 298 -10.50 6.75 25.16
N GLU A 299 -9.35 7.18 25.66
CA GLU A 299 -9.17 8.50 26.29
C GLU A 299 -7.76 8.94 25.92
N ILE A 300 -7.64 10.14 25.33
CA ILE A 300 -6.38 10.75 24.82
C ILE A 300 -6.06 11.94 25.70
N GLU A 301 -4.82 12.04 26.18
CA GLU A 301 -4.26 13.28 26.78
C GLU A 301 -3.54 14.05 25.67
N SER A 302 -4.20 15.05 25.11
CA SER A 302 -3.61 15.95 24.09
C SER A 302 -2.95 17.11 24.82
N HIS A 303 -1.76 17.52 24.36
CA HIS A 303 -1.00 18.70 24.82
C HIS A 303 -1.27 19.90 23.87
N LEU A 304 -2.27 19.80 23.01
CA LEU A 304 -2.71 20.89 22.09
C LEU A 304 -3.87 21.63 22.76
N MET A 305 -4.07 22.90 22.40
CA MET A 305 -5.02 23.81 23.06
C MET A 305 -6.17 24.18 22.10
N GLY A 306 -7.41 24.24 22.62
CA GLY A 306 -8.58 24.75 21.90
C GLY A 306 -9.43 23.67 21.23
N ALA A 307 -10.67 24.03 20.83
CA ALA A 307 -11.65 23.08 20.26
C ALA A 307 -11.18 22.63 18.88
N PHE A 308 -10.61 23.54 18.08
CA PHE A 308 -10.21 23.24 16.68
C PHE A 308 -9.10 22.18 16.67
N ASN A 309 -8.18 22.20 17.64
CA ASN A 309 -7.07 21.21 17.75
C ASN A 309 -7.61 19.88 18.25
N VAL A 310 -8.76 19.85 18.93
CA VAL A 310 -9.39 18.54 19.23
C VAL A 310 -9.85 17.94 17.90
N SER A 311 -10.55 18.72 17.08
CA SER A 311 -11.04 18.30 15.74
C SER A 311 -9.85 17.79 14.92
N ASN A 312 -8.82 18.60 14.82
CA ASN A 312 -7.62 18.25 14.01
C ASN A 312 -7.02 16.92 14.47
N LEU A 313 -6.89 16.73 15.79
N LEU A 313 -6.92 16.73 15.79
CA LEU A 313 -6.30 15.50 16.36
CA LEU A 313 -6.35 15.52 16.42
C LEU A 313 -7.23 14.30 16.06
C LEU A 313 -7.22 14.30 16.08
N LEU A 314 -8.55 14.45 16.19
CA LEU A 314 -9.51 13.35 15.91
C LEU A 314 -9.47 12.99 14.43
N LEU A 315 -9.30 13.96 13.52
CA LEU A 315 -9.16 13.63 12.08
C LEU A 315 -7.90 12.80 11.85
N ALA A 316 -6.80 13.18 12.45
CA ALA A 316 -5.52 12.45 12.30
C ALA A 316 -5.70 11.03 12.87
N LEU A 317 -6.41 10.90 13.99
CA LEU A 317 -6.67 9.59 14.62
C LEU A 317 -7.55 8.68 13.73
N ALA A 318 -8.66 9.20 13.23
CA ALA A 318 -9.60 8.43 12.40
C ALA A 318 -8.85 7.97 11.14
N THR A 319 -8.01 8.85 10.59
CA THR A 319 -7.21 8.57 9.36
C THR A 319 -6.25 7.41 9.61
N LEU A 320 -5.53 7.44 10.73
CA LEU A 320 -4.51 6.39 11.04
C LEU A 320 -5.22 5.09 11.41
N LEU A 321 -6.40 5.15 12.02
CA LEU A 321 -7.20 3.92 12.32
C LEU A 321 -7.66 3.31 10.98
N ALA A 322 -8.17 4.15 10.06
CA ALA A 322 -8.67 3.75 8.71
C ALA A 322 -7.55 3.05 7.94
N LEU A 323 -6.31 3.47 8.11
CA LEU A 323 -5.15 2.89 7.37
C LEU A 323 -4.62 1.63 8.08
N GLY A 324 -5.14 1.26 9.26
CA GLY A 324 -4.81 -0.03 9.91
C GLY A 324 -3.81 0.12 11.04
N TYR A 325 -3.44 1.34 11.47
CA TYR A 325 -2.63 1.52 12.70
C TYR A 325 -3.48 1.11 13.92
N PRO A 326 -2.93 0.25 14.82
CA PRO A 326 -3.71 -0.29 15.93
C PRO A 326 -4.07 0.77 17.00
N LEU A 327 -5.32 0.76 17.46
CA LEU A 327 -5.83 1.77 18.42
C LEU A 327 -4.92 1.83 19.65
N ALA A 328 -4.54 0.68 20.22
CA ALA A 328 -3.68 0.63 21.44
C ALA A 328 -2.36 1.35 21.18
N ASP A 329 -1.76 1.25 19.99
CA ASP A 329 -0.45 1.90 19.74
C ASP A 329 -0.63 3.41 19.58
N LEU A 330 -1.76 3.85 19.00
CA LEU A 330 -2.09 5.28 18.78
C LEU A 330 -2.34 5.92 20.14
N LEU A 331 -3.09 5.26 21.00
CA LEU A 331 -3.38 5.77 22.37
C LEU A 331 -2.09 5.91 23.19
N LYS A 332 -1.13 4.99 23.04
CA LYS A 332 0.11 4.95 23.86
C LYS A 332 1.08 6.05 23.43
N THR A 333 0.90 6.63 22.24
CA THR A 333 1.80 7.68 21.69
C THR A 333 1.12 9.06 21.66
N ALA A 334 -0.21 9.16 21.94
CA ALA A 334 -0.98 10.42 21.80
C ALA A 334 -0.33 11.57 22.60
N ALA A 335 0.24 11.26 23.76
CA ALA A 335 0.78 12.28 24.70
C ALA A 335 2.11 12.85 24.18
N ARG A 336 2.66 12.25 23.12
N ARG A 336 2.70 12.25 23.13
CA ARG A 336 3.94 12.68 22.50
CA ARG A 336 3.97 12.74 22.53
C ARG A 336 3.67 13.64 21.34
C ARG A 336 3.67 13.66 21.34
N LEU A 337 2.40 13.83 20.96
CA LEU A 337 2.02 14.76 19.88
C LEU A 337 2.27 16.20 20.38
N GLN A 338 2.87 17.01 19.53
CA GLN A 338 3.37 18.36 19.90
C GLN A 338 2.63 19.38 19.06
N PRO A 339 2.50 20.61 19.59
CA PRO A 339 1.98 21.70 18.80
C PRO A 339 2.94 22.06 17.65
N VAL A 340 2.38 22.62 16.59
CA VAL A 340 3.21 23.38 15.62
C VAL A 340 3.78 24.55 16.42
N CYS A 341 5.10 24.70 16.40
CA CYS A 341 5.85 25.72 17.16
C CYS A 341 5.15 27.09 17.03
N GLY A 342 4.82 27.72 18.14
CA GLY A 342 4.18 29.06 18.14
C GLY A 342 2.74 29.06 17.67
N ARG A 343 2.07 27.90 17.57
CA ARG A 343 0.61 27.81 17.29
C ARG A 343 -0.14 27.28 18.53
N MET A 344 -0.81 28.17 19.24
CA MET A 344 -1.43 27.88 20.55
C MET A 344 -0.47 26.98 21.34
N GLU A 345 0.80 27.34 21.41
CA GLU A 345 1.83 26.49 22.07
C GLU A 345 1.82 26.74 23.60
N VAL A 346 1.55 25.70 24.38
CA VAL A 346 1.36 25.80 25.85
C VAL A 346 2.71 25.71 26.57
N PHE A 347 2.91 26.58 27.56
CA PHE A 347 4.03 26.54 28.53
C PHE A 347 3.40 26.50 29.91
N THR A 348 3.68 25.43 30.64
CA THR A 348 3.20 25.20 32.02
C THR A 348 4.40 24.98 32.92
N ALA A 349 4.21 25.26 34.18
CA ALA A 349 5.18 24.97 35.24
C ALA A 349 4.38 24.89 36.53
N PRO A 350 4.83 24.01 37.44
CA PRO A 350 4.11 23.75 38.68
C PRO A 350 3.84 25.05 39.42
N GLY A 351 2.56 25.28 39.72
CA GLY A 351 2.07 26.38 40.58
C GLY A 351 2.15 27.74 39.91
N LYS A 352 2.32 27.78 38.58
CA LYS A 352 2.39 29.04 37.80
C LYS A 352 1.20 29.12 36.85
N PRO A 353 0.86 30.32 36.38
CA PRO A 353 -0.19 30.48 35.37
C PRO A 353 0.18 29.71 34.11
N THR A 354 -0.81 29.18 33.40
CA THR A 354 -0.59 28.61 32.05
C THR A 354 -0.27 29.76 31.09
N VAL A 355 0.71 29.59 30.22
CA VAL A 355 1.05 30.63 29.22
C VAL A 355 0.97 29.99 27.83
N VAL A 356 0.38 30.68 26.88
CA VAL A 356 0.20 30.18 25.48
C VAL A 356 0.83 31.22 24.56
N VAL A 357 1.76 30.76 23.74
CA VAL A 357 2.37 31.59 22.67
C VAL A 357 1.68 31.24 21.36
N ASP A 358 1.10 32.25 20.71
CA ASP A 358 0.45 32.11 19.40
C ASP A 358 0.84 33.26 18.48
N TYR A 359 0.91 32.97 17.17
CA TYR A 359 1.36 33.91 16.13
C TYR A 359 0.23 34.90 15.77
N ALA A 360 -1.01 34.68 16.22
CA ALA A 360 -2.19 35.54 15.89
C ALA A 360 -1.78 37.02 15.81
N HIS A 361 -1.68 37.56 14.60
CA HIS A 361 -1.35 39.00 14.36
C HIS A 361 -2.44 39.69 13.53
N THR A 362 -3.69 39.20 13.53
CA THR A 362 -4.85 39.83 12.82
C THR A 362 -6.04 39.81 13.75
N PRO A 363 -7.10 40.62 13.55
CA PRO A 363 -8.27 40.61 14.42
C PRO A 363 -8.90 39.22 14.55
N ASP A 364 -9.05 38.49 13.44
CA ASP A 364 -9.71 37.16 13.41
C ASP A 364 -8.87 36.11 14.14
N ALA A 365 -7.55 36.06 13.91
CA ALA A 365 -6.62 35.11 14.55
C ALA A 365 -6.60 35.38 16.06
N LEU A 366 -6.54 36.66 16.46
CA LEU A 366 -6.51 37.02 17.89
C LEU A 366 -7.81 36.58 18.55
N GLU A 367 -8.96 36.83 17.93
CA GLU A 367 -10.25 36.40 18.53
C GLU A 367 -10.29 34.86 18.69
N LYS A 368 -9.85 34.10 17.67
CA LYS A 368 -9.89 32.60 17.71
C LYS A 368 -8.99 32.10 18.86
N ALA A 369 -7.79 32.69 18.99
CA ALA A 369 -6.75 32.26 19.96
C ALA A 369 -7.21 32.53 21.40
N LEU A 370 -7.79 33.71 21.67
CA LEU A 370 -8.46 34.03 22.97
C LEU A 370 -9.64 33.07 23.24
N GLN A 371 -10.56 32.84 22.30
CA GLN A 371 -11.68 31.86 22.49
C GLN A 371 -11.14 30.45 22.81
N ALA A 372 -10.11 30.01 22.08
CA ALA A 372 -9.34 28.77 22.29
C ALA A 372 -8.76 28.76 23.72
N ALA A 373 -8.04 29.82 24.09
CA ALA A 373 -7.43 30.03 25.43
C ALA A 373 -8.48 30.01 26.53
N ARG A 374 -9.66 30.60 26.33
CA ARG A 374 -10.71 30.71 27.40
C ARG A 374 -11.14 29.32 27.89
N LEU A 375 -11.25 28.34 26.99
CA LEU A 375 -11.71 26.96 27.33
C LEU A 375 -10.82 26.37 28.43
N HIS A 376 -9.52 26.68 28.45
CA HIS A 376 -8.52 26.09 29.38
C HIS A 376 -8.40 26.94 30.67
N CYS A 377 -9.19 27.99 30.84
CA CYS A 377 -8.91 29.10 31.79
C CYS A 377 -10.03 29.12 32.84
N ALA A 378 -9.73 28.69 34.07
CA ALA A 378 -10.64 28.70 35.23
C ALA A 378 -10.68 30.10 35.86
N GLY A 379 -9.56 30.85 35.81
CA GLY A 379 -9.45 32.20 36.39
C GLY A 379 -9.60 33.29 35.35
N LYS A 380 -8.63 34.21 35.31
CA LYS A 380 -8.61 35.37 34.40
C LYS A 380 -7.76 35.05 33.15
N LEU A 381 -8.24 35.44 31.98
CA LEU A 381 -7.50 35.39 30.69
C LEU A 381 -6.77 36.73 30.46
N TRP A 382 -5.44 36.67 30.40
CA TRP A 382 -4.53 37.82 30.06
C TRP A 382 -4.18 37.73 28.57
N CYS A 383 -4.19 38.84 27.86
CA CYS A 383 -3.73 38.96 26.46
C CYS A 383 -2.61 40.00 26.38
N VAL A 384 -1.37 39.57 26.12
CA VAL A 384 -0.20 40.43 25.83
C VAL A 384 0.01 40.46 24.31
N PHE A 385 0.00 41.67 23.74
CA PHE A 385 0.06 41.87 22.28
C PHE A 385 0.40 43.33 21.96
N GLY A 386 0.82 43.53 20.71
CA GLY A 386 0.96 44.81 20.01
C GLY A 386 0.69 44.62 18.54
N CYS A 387 1.07 45.61 17.72
CA CYS A 387 0.93 45.60 16.25
C CYS A 387 2.21 46.12 15.60
N GLY A 388 2.53 45.61 14.41
CA GLY A 388 3.73 46.01 13.66
C GLY A 388 3.67 47.49 13.31
N GLY A 389 4.79 48.18 13.39
CA GLY A 389 4.91 49.55 12.88
C GLY A 389 5.29 49.54 11.40
N ASP A 390 5.06 50.66 10.71
CA ASP A 390 5.37 50.88 9.26
C ASP A 390 4.61 49.82 8.43
N ARG A 391 3.37 49.53 8.83
CA ARG A 391 2.47 48.52 8.20
C ARG A 391 1.06 49.06 8.31
N ASP A 392 0.05 48.36 7.78
CA ASP A 392 -1.33 48.87 7.78
C ASP A 392 -1.83 49.04 9.21
N LYS A 393 -2.41 50.20 9.47
CA LYS A 393 -2.81 50.71 10.80
C LYS A 393 -4.26 50.36 11.09
N GLY A 394 -4.99 49.80 10.11
CA GLY A 394 -6.44 49.56 10.20
C GLY A 394 -6.81 48.49 11.22
N LYS A 395 -5.96 47.47 11.37
CA LYS A 395 -6.19 46.32 12.29
C LYS A 395 -5.98 46.73 13.77
N ARG A 396 -5.24 47.81 14.03
CA ARG A 396 -4.86 48.25 15.40
C ARG A 396 -6.11 48.41 16.29
N PRO A 397 -7.08 49.29 15.97
CA PRO A 397 -8.23 49.45 16.85
C PRO A 397 -9.13 48.21 16.88
N LEU A 398 -9.09 47.40 15.82
CA LEU A 398 -9.87 46.13 15.74
C LEU A 398 -9.27 45.11 16.73
N MET A 399 -7.93 45.06 16.84
CA MET A 399 -7.23 44.13 17.78
C MET A 399 -7.35 44.63 19.22
N GLY A 400 -7.34 45.94 19.46
CA GLY A 400 -7.71 46.47 20.79
C GLY A 400 -9.08 46.00 21.26
N ALA A 401 -10.12 46.15 20.42
CA ALA A 401 -11.53 45.87 20.80
C ALA A 401 -11.70 44.37 21.08
N ILE A 402 -11.12 43.50 20.24
CA ILE A 402 -11.02 42.01 20.44
C ILE A 402 -10.41 41.70 21.82
N ALA A 403 -9.23 42.26 22.13
CA ALA A 403 -8.50 42.00 23.39
C ALA A 403 -9.34 42.41 24.59
N GLU A 404 -10.04 43.54 24.49
CA GLU A 404 -10.90 44.09 25.58
C GLU A 404 -12.12 43.17 25.75
N GLU A 405 -12.67 42.69 24.65
CA GLU A 405 -13.89 41.84 24.69
C GLU A 405 -13.56 40.40 25.15
N PHE A 406 -12.58 39.72 24.55
CA PHE A 406 -12.41 38.25 24.72
C PHE A 406 -11.36 37.94 25.80
N ALA A 407 -10.64 38.93 26.30
CA ALA A 407 -9.74 38.75 27.46
C ALA A 407 -10.28 39.52 28.65
N ASP A 408 -9.84 39.17 29.86
CA ASP A 408 -10.16 39.88 31.12
C ASP A 408 -9.13 40.98 31.36
N VAL A 409 -7.86 40.72 31.07
CA VAL A 409 -6.78 41.74 31.21
C VAL A 409 -6.08 41.86 29.86
N ALA A 410 -6.13 43.05 29.24
CA ALA A 410 -5.40 43.37 28.01
C ALA A 410 -4.11 44.10 28.38
N VAL A 411 -2.95 43.50 28.10
CA VAL A 411 -1.62 44.15 28.30
C VAL A 411 -1.03 44.53 26.93
N VAL A 412 -1.04 45.82 26.60
CA VAL A 412 -0.68 46.32 25.24
C VAL A 412 0.76 46.77 25.27
N THR A 413 1.52 46.29 24.28
CA THR A 413 2.98 46.45 24.24
C THR A 413 3.40 46.55 22.79
N ASP A 414 4.70 46.47 22.57
CA ASP A 414 5.37 46.60 21.25
C ASP A 414 5.45 45.21 20.61
N ASP A 415 5.41 45.21 19.28
CA ASP A 415 5.58 44.06 18.35
C ASP A 415 6.14 44.62 17.04
N ASN A 416 7.45 44.62 16.86
CA ASN A 416 8.11 45.09 15.61
C ASN A 416 7.66 46.51 15.31
N PRO A 417 7.92 47.47 16.22
CA PRO A 417 7.58 48.87 15.97
C PRO A 417 8.38 49.45 14.78
N ARG A 418 9.51 48.82 14.39
CA ARG A 418 10.35 49.30 13.28
C ARG A 418 10.68 50.77 13.54
N THR A 419 10.48 51.68 12.58
CA THR A 419 10.86 53.12 12.69
C THR A 419 9.71 53.94 13.26
N GLU A 420 8.54 53.34 13.45
CA GLU A 420 7.34 54.08 13.90
C GLU A 420 7.38 54.30 15.42
N GLU A 421 6.98 55.48 15.87
CA GLU A 421 6.93 55.87 17.30
C GLU A 421 6.14 54.79 18.04
N PRO A 422 6.78 53.97 18.91
CA PRO A 422 6.08 52.84 19.54
C PRO A 422 4.76 53.17 20.23
N ARG A 423 4.72 54.24 21.02
CA ARG A 423 3.51 54.67 21.76
C ARG A 423 2.41 55.11 20.76
N ALA A 424 2.76 55.59 19.57
CA ALA A 424 1.79 55.92 18.49
C ALA A 424 0.94 54.69 18.17
N ILE A 425 1.58 53.56 17.91
CA ILE A 425 0.94 52.23 17.62
C ILE A 425 0.00 51.89 18.79
N ILE A 426 0.52 51.97 20.00
CA ILE A 426 -0.25 51.62 21.21
C ILE A 426 -1.48 52.52 21.30
N ASN A 427 -1.38 53.81 20.94
CA ASN A 427 -2.53 54.75 21.02
C ASN A 427 -3.62 54.28 20.05
N ASP A 428 -3.24 53.85 18.85
CA ASP A 428 -4.18 53.40 17.78
C ASP A 428 -4.89 52.13 18.28
N ILE A 429 -4.16 51.26 18.97
CA ILE A 429 -4.76 50.04 19.58
C ILE A 429 -5.80 50.47 20.63
N LEU A 430 -5.40 51.37 21.54
CA LEU A 430 -6.26 51.80 22.68
C LEU A 430 -7.51 52.50 22.16
N ALA A 431 -7.39 53.25 21.06
CA ALA A 431 -8.48 54.05 20.47
C ALA A 431 -9.67 53.13 20.13
N GLY A 432 -9.40 51.86 19.77
CA GLY A 432 -10.43 50.86 19.43
C GLY A 432 -11.24 50.36 20.61
N MET A 433 -10.84 50.68 21.85
CA MET A 433 -11.45 50.15 23.10
C MET A 433 -12.56 51.07 23.64
N LEU A 434 -13.60 50.48 24.23
CA LEU A 434 -14.67 51.19 24.97
C LEU A 434 -14.06 51.83 26.23
N ASP A 435 -13.14 51.14 26.92
CA ASP A 435 -12.54 51.64 28.18
C ASP A 435 -11.02 51.42 28.16
N ALA A 436 -10.31 52.31 27.48
CA ALA A 436 -8.84 52.28 27.34
C ALA A 436 -8.15 52.28 28.72
N GLY A 437 -8.74 52.96 29.72
CA GLY A 437 -8.24 53.04 31.10
C GLY A 437 -8.08 51.67 31.77
N HIS A 438 -8.89 50.69 31.38
CA HIS A 438 -8.87 49.27 31.87
C HIS A 438 -7.59 48.57 31.39
N ALA A 439 -7.21 48.77 30.12
CA ALA A 439 -6.00 48.20 29.50
C ALA A 439 -4.74 48.58 30.28
N LYS A 440 -3.84 47.63 30.49
CA LYS A 440 -2.46 47.88 30.96
C LYS A 440 -1.62 48.17 29.72
N VAL A 441 -0.78 49.18 29.81
CA VAL A 441 0.22 49.48 28.76
C VAL A 441 1.59 49.32 29.39
N MET A 442 2.47 48.55 28.76
CA MET A 442 3.89 48.41 29.14
C MET A 442 4.68 48.28 27.85
N GLU A 443 5.54 49.27 27.65
CA GLU A 443 6.51 49.31 26.54
C GLU A 443 7.77 48.65 27.05
N GLY A 444 8.47 48.00 26.12
CA GLY A 444 9.31 46.85 26.39
C GLY A 444 8.41 45.62 26.39
N ARG A 445 8.43 44.85 25.29
CA ARG A 445 7.64 43.60 25.15
C ARG A 445 8.07 42.60 26.22
N ALA A 446 9.38 42.41 26.41
CA ALA A 446 9.92 41.49 27.42
C ALA A 446 9.32 41.83 28.79
N GLU A 447 9.27 43.13 29.12
CA GLU A 447 8.75 43.63 30.42
C GLU A 447 7.23 43.39 30.49
N ALA A 448 6.49 43.61 29.39
CA ALA A 448 5.01 43.44 29.33
C ALA A 448 4.67 41.96 29.51
N VAL A 449 5.47 41.06 28.93
CA VAL A 449 5.26 39.60 29.10
C VAL A 449 5.51 39.24 30.57
N THR A 450 6.62 39.69 31.11
CA THR A 450 6.95 39.51 32.56
C THR A 450 5.79 40.01 33.45
N CYS A 451 5.30 41.21 33.21
CA CYS A 451 4.17 41.82 33.95
C CYS A 451 3.02 40.83 34.05
N ALA A 452 2.57 40.30 32.91
CA ALA A 452 1.41 39.41 32.80
C ALA A 452 1.72 38.13 33.57
N VAL A 453 2.85 37.51 33.27
CA VAL A 453 3.22 36.17 33.78
C VAL A 453 3.48 36.22 35.30
N MET A 454 4.09 37.29 35.82
CA MET A 454 4.38 37.40 37.27
C MET A 454 3.13 37.86 38.04
N GLN A 455 2.19 38.58 37.41
CA GLN A 455 0.98 39.08 38.14
C GLN A 455 -0.16 38.07 38.04
N ALA A 456 -0.22 37.30 36.95
CA ALA A 456 -1.27 36.27 36.74
C ALA A 456 -1.30 35.30 37.94
N LYS A 457 -2.50 34.94 38.40
CA LYS A 457 -2.77 33.84 39.37
C LYS A 457 -2.48 32.47 38.77
N GLU A 458 -2.40 31.46 39.64
CA GLU A 458 -2.03 30.06 39.32
C GLU A 458 -3.01 29.44 38.31
N ASN A 459 -4.29 29.81 38.35
CA ASN A 459 -5.36 29.24 37.47
C ASN A 459 -5.79 30.26 36.39
N ASP A 460 -5.05 31.35 36.24
CA ASP A 460 -5.15 32.29 35.09
C ASP A 460 -4.47 31.65 33.89
N VAL A 461 -4.81 32.15 32.70
CA VAL A 461 -4.08 31.84 31.43
C VAL A 461 -3.58 33.17 30.84
N VAL A 462 -2.34 33.22 30.37
CA VAL A 462 -1.75 34.40 29.68
C VAL A 462 -1.55 34.00 28.24
N LEU A 463 -2.28 34.64 27.32
CA LEU A 463 -2.00 34.48 25.87
C LEU A 463 -1.00 35.57 25.46
N VAL A 464 0.10 35.16 24.83
CA VAL A 464 1.16 36.04 24.27
C VAL A 464 1.08 35.90 22.75
N ALA A 465 0.49 36.90 22.10
CA ALA A 465 0.02 36.90 20.69
C ALA A 465 0.95 37.72 19.79
N GLY A 466 1.18 37.26 18.57
CA GLY A 466 1.69 38.13 17.49
C GLY A 466 3.01 37.66 16.90
N LYS A 467 3.80 36.89 17.63
CA LYS A 467 5.15 36.47 17.17
C LYS A 467 5.22 34.95 16.93
N GLY A 468 4.56 34.15 17.75
CA GLY A 468 4.62 32.68 17.63
C GLY A 468 6.06 32.18 17.74
N HIS A 469 6.59 31.56 16.68
CA HIS A 469 7.94 30.94 16.58
C HIS A 469 9.06 31.98 16.39
N GLU A 470 8.72 33.23 16.06
CA GLU A 470 9.70 34.24 15.59
C GLU A 470 10.66 34.60 16.74
N ASP A 471 11.94 34.80 16.40
CA ASP A 471 13.05 34.94 17.38
C ASP A 471 13.71 36.32 17.25
N TYR A 472 12.99 37.30 16.68
CA TYR A 472 13.46 38.71 16.50
C TYR A 472 12.34 39.69 16.90
N GLN A 473 12.76 40.87 17.36
CA GLN A 473 11.93 42.10 17.57
C GLN A 473 12.64 43.19 16.74
N ILE A 474 11.96 43.75 15.73
CA ILE A 474 12.54 44.83 14.89
C ILE A 474 12.24 46.18 15.57
N VAL A 475 13.28 46.78 16.17
CA VAL A 475 13.28 48.14 16.79
C VAL A 475 14.20 49.04 15.95
N GLY A 476 13.64 50.04 15.27
CA GLY A 476 14.35 50.86 14.27
C GLY A 476 14.57 50.04 13.01
N ASN A 477 15.83 49.73 12.70
CA ASN A 477 16.26 48.84 11.58
C ASN A 477 17.08 47.67 12.14
N GLN A 478 17.13 47.55 13.47
CA GLN A 478 17.79 46.45 14.21
C GLN A 478 16.79 45.28 14.36
N ARG A 479 17.21 44.06 13.96
CA ARG A 479 16.54 42.79 14.31
C ARG A 479 17.18 42.31 15.63
N LEU A 480 16.69 42.81 16.76
CA LEU A 480 17.17 42.40 18.10
C LEU A 480 16.85 40.92 18.32
N ASP A 481 17.75 40.19 18.98
CA ASP A 481 17.51 38.79 19.45
C ASP A 481 16.45 38.86 20.55
N TYR A 482 15.23 38.41 20.26
CA TYR A 482 14.10 38.32 21.22
C TYR A 482 13.08 37.25 20.79
N SER A 483 12.69 36.39 21.74
CA SER A 483 11.74 35.26 21.54
C SER A 483 10.69 35.30 22.67
N ASP A 484 9.42 35.40 22.33
CA ASP A 484 8.30 35.20 23.27
C ASP A 484 8.49 33.86 23.98
N ARG A 485 8.78 32.79 23.22
CA ARG A 485 8.85 31.40 23.73
C ARG A 485 9.96 31.29 24.79
N VAL A 486 11.14 31.87 24.52
CA VAL A 486 12.32 31.85 25.43
C VAL A 486 11.98 32.67 26.68
N THR A 487 11.44 33.88 26.53
CA THR A 487 11.09 34.76 27.67
C THR A 487 10.12 34.03 28.62
N VAL A 488 9.10 33.42 28.04
CA VAL A 488 8.06 32.70 28.81
C VAL A 488 8.70 31.51 29.54
N ALA A 489 9.49 30.72 28.81
CA ALA A 489 10.12 29.48 29.33
C ALA A 489 11.01 29.88 30.50
N ARG A 490 11.73 31.00 30.38
CA ARG A 490 12.70 31.46 31.43
C ARG A 490 11.92 31.97 32.66
N LEU A 491 10.82 32.69 32.48
CA LEU A 491 9.99 33.16 33.63
C LEU A 491 9.37 31.96 34.33
N LEU A 492 9.02 30.93 33.59
CA LEU A 492 8.29 29.79 34.18
C LEU A 492 9.31 28.84 34.83
N GLY A 493 10.59 29.02 34.55
CA GLY A 493 11.66 28.14 35.07
C GLY A 493 11.69 26.82 34.32
N VAL A 494 11.29 26.82 33.05
CA VAL A 494 11.33 25.62 32.15
C VAL A 494 12.30 25.89 30.99
N ILE A 495 12.22 25.09 29.92
CA ILE A 495 13.05 25.20 28.68
C ILE A 495 12.12 25.27 27.45
N ALA A 496 12.26 26.36 26.67
CA ALA A 496 11.43 26.70 25.48
C ALA A 496 11.39 25.51 24.52
N ARG B 5 10.67 -7.73 21.52
CA ARG B 5 9.25 -8.15 21.69
C ARG B 5 8.92 -8.36 23.18
N ASN B 6 7.82 -7.76 23.63
CA ASN B 6 7.37 -7.77 25.05
C ASN B 6 5.92 -8.25 25.14
N LEU B 7 5.64 -9.18 26.06
CA LEU B 7 4.29 -9.77 26.26
C LEU B 7 3.24 -8.66 26.29
N ARG B 8 3.53 -7.57 26.99
CA ARG B 8 2.56 -6.48 27.30
C ARG B 8 2.17 -5.76 26.01
N ASP B 9 3.16 -5.34 25.22
CA ASP B 9 2.90 -4.68 23.91
C ASP B 9 2.20 -5.68 22.99
N LEU B 10 2.64 -6.94 22.98
CA LEU B 10 2.07 -7.99 22.08
C LEU B 10 0.55 -8.04 22.31
N LEU B 11 0.11 -7.97 23.56
CA LEU B 11 -1.32 -8.24 23.91
C LEU B 11 -2.14 -6.96 24.09
N ALA B 12 -1.53 -5.78 24.01
CA ALA B 12 -2.16 -4.46 24.24
C ALA B 12 -3.52 -4.36 23.55
N PRO B 13 -3.67 -4.72 22.25
CA PRO B 13 -4.98 -4.61 21.60
C PRO B 13 -6.12 -5.39 22.27
N TRP B 14 -5.80 -6.44 23.04
CA TRP B 14 -6.76 -7.46 23.54
C TRP B 14 -6.78 -7.54 25.08
N VAL B 15 -5.62 -7.52 25.72
CA VAL B 15 -5.43 -7.75 27.20
C VAL B 15 -4.70 -6.55 27.78
N PRO B 16 -5.42 -5.53 28.32
CA PRO B 16 -4.77 -4.27 28.68
C PRO B 16 -3.71 -4.40 29.80
N ASP B 17 -3.88 -5.33 30.74
CA ASP B 17 -3.04 -5.32 31.97
C ASP B 17 -2.05 -6.49 31.95
N ALA B 18 -1.69 -7.00 30.78
CA ALA B 18 -0.69 -8.08 30.62
C ALA B 18 0.63 -7.63 31.25
N PRO B 19 1.31 -8.51 32.03
CA PRO B 19 2.64 -8.22 32.54
C PRO B 19 3.63 -7.86 31.44
N SER B 20 4.59 -6.99 31.75
CA SER B 20 5.72 -6.63 30.87
C SER B 20 6.82 -7.68 31.03
N ARG B 21 7.08 -8.48 29.98
CA ARG B 21 8.12 -9.58 29.97
C ARG B 21 8.67 -9.78 28.55
N ALA B 22 10.00 -9.77 28.40
CA ALA B 22 10.69 -9.88 27.10
C ALA B 22 10.50 -11.29 26.55
N LEU B 23 10.37 -11.41 25.23
CA LEU B 23 10.06 -12.67 24.52
C LEU B 23 11.10 -12.82 23.40
N ARG B 24 11.59 -14.04 23.16
CA ARG B 24 12.51 -14.36 22.03
C ARG B 24 11.71 -14.82 20.82
N GLU B 25 11.38 -16.12 20.76
CA GLU B 25 10.61 -16.73 19.65
C GLU B 25 9.23 -17.15 20.16
N MET B 26 8.27 -17.20 19.24
CA MET B 26 6.86 -17.67 19.46
C MET B 26 6.79 -19.08 18.89
N THR B 27 6.30 -20.05 19.65
CA THR B 27 6.27 -21.46 19.21
C THR B 27 5.02 -22.16 19.74
N LEU B 28 4.46 -23.05 18.92
CA LEU B 28 3.32 -23.95 19.22
C LEU B 28 3.83 -25.29 19.79
N ASP B 29 5.11 -25.60 19.61
CA ASP B 29 5.68 -26.93 19.95
C ASP B 29 6.55 -26.83 21.21
N SER B 30 6.14 -27.53 22.29
CA SER B 30 6.79 -27.48 23.63
C SER B 30 8.17 -28.15 23.62
N ARG B 31 8.52 -28.88 22.55
CA ARG B 31 9.85 -29.57 22.39
C ARG B 31 10.92 -28.54 22.02
N VAL B 32 10.59 -27.56 21.18
CA VAL B 32 11.53 -26.50 20.71
C VAL B 32 11.48 -25.32 21.69
N ALA B 33 10.44 -25.23 22.52
CA ALA B 33 10.23 -24.14 23.50
C ALA B 33 11.41 -24.09 24.48
N ALA B 34 12.29 -23.11 24.31
CA ALA B 34 13.51 -22.89 25.13
C ALA B 34 13.29 -21.68 26.05
N ALA B 35 14.35 -21.23 26.74
CA ALA B 35 14.32 -20.09 27.68
C ALA B 35 14.01 -18.79 26.93
N GLY B 36 13.16 -17.92 27.51
CA GLY B 36 12.81 -16.59 26.97
C GLY B 36 11.71 -16.63 25.92
N ASP B 37 11.24 -17.83 25.56
CA ASP B 37 10.28 -18.05 24.45
C ASP B 37 8.85 -17.76 24.94
N LEU B 38 7.97 -17.49 23.97
CA LEU B 38 6.50 -17.51 24.14
C LEU B 38 6.01 -18.88 23.65
N PHE B 39 5.50 -19.68 24.56
CA PHE B 39 4.82 -20.95 24.24
C PHE B 39 3.34 -20.64 24.01
N VAL B 40 2.77 -21.14 22.92
CA VAL B 40 1.32 -20.95 22.67
C VAL B 40 0.67 -22.32 22.75
N ALA B 41 -0.29 -22.51 23.66
CA ALA B 41 -0.97 -23.81 23.91
C ALA B 41 -2.37 -23.79 23.30
N VAL B 42 -2.51 -24.45 22.15
CA VAL B 42 -3.74 -24.50 21.30
C VAL B 42 -4.36 -25.91 21.38
N VAL B 43 -5.67 -26.00 21.12
CA VAL B 43 -6.43 -27.28 21.07
C VAL B 43 -6.72 -27.56 19.60
N GLY B 44 -6.36 -28.74 19.08
CA GLY B 44 -6.66 -29.14 17.69
C GLY B 44 -6.15 -30.53 17.34
N ALA B 47 -5.33 -33.34 19.92
CA ALA B 47 -4.14 -32.69 20.51
C ALA B 47 -4.54 -31.43 21.30
N ASP B 48 -4.24 -31.39 22.61
CA ASP B 48 -4.43 -30.21 23.49
C ASP B 48 -3.08 -29.76 24.07
N GLY B 49 -2.53 -28.66 23.57
CA GLY B 49 -1.21 -28.11 23.93
C GLY B 49 -1.14 -27.69 25.39
N ARG B 50 -2.27 -27.51 26.08
CA ARG B 50 -2.30 -27.03 27.50
C ARG B 50 -1.77 -28.14 28.41
N ARG B 51 -1.81 -29.40 27.93
CA ARG B 51 -1.21 -30.58 28.62
C ARG B 51 0.28 -30.32 28.86
N TYR B 52 0.94 -29.60 27.93
CA TYR B 52 2.41 -29.44 27.88
C TYR B 52 2.88 -28.14 28.54
N ILE B 53 2.04 -27.47 29.33
CA ILE B 53 2.37 -26.17 29.99
C ILE B 53 3.40 -26.38 31.08
N PRO B 54 3.23 -27.37 31.99
CA PRO B 54 4.19 -27.56 33.07
C PRO B 54 5.56 -27.87 32.45
N GLN B 55 5.59 -28.73 31.42
CA GLN B 55 6.82 -29.11 30.67
C GLN B 55 7.48 -27.89 30.01
N ALA B 56 6.69 -27.00 29.39
CA ALA B 56 7.18 -25.74 28.78
C ALA B 56 7.77 -24.83 29.86
N ILE B 57 7.07 -24.64 30.98
CA ILE B 57 7.56 -23.84 32.15
C ILE B 57 8.90 -24.39 32.65
N ALA B 58 9.06 -25.72 32.65
CA ALA B 58 10.30 -26.39 33.12
C ALA B 58 11.45 -26.10 32.15
N GLN B 59 11.15 -25.73 30.90
CA GLN B 59 12.18 -25.42 29.87
C GLN B 59 12.52 -23.92 29.90
N GLY B 60 11.88 -23.16 30.79
CA GLY B 60 12.22 -21.74 31.07
C GLY B 60 11.53 -20.75 30.13
N VAL B 61 10.44 -21.13 29.44
CA VAL B 61 9.67 -20.19 28.58
C VAL B 61 9.33 -18.96 29.45
N ALA B 62 9.33 -17.76 28.87
CA ALA B 62 9.09 -16.47 29.54
C ALA B 62 7.59 -16.23 29.75
N ALA B 63 6.72 -16.80 28.90
CA ALA B 63 5.27 -16.54 28.93
C ALA B 63 4.51 -17.59 28.13
N ILE B 64 3.24 -17.78 28.46
CA ILE B 64 2.34 -18.72 27.73
C ILE B 64 1.02 -18.00 27.41
N ILE B 65 0.55 -18.22 26.19
CA ILE B 65 -0.84 -17.86 25.80
C ILE B 65 -1.51 -19.19 25.50
N ALA B 66 -2.74 -19.37 25.99
CA ALA B 66 -3.42 -20.69 26.09
C ALA B 66 -4.91 -20.57 25.75
N GLU B 67 -5.46 -21.61 25.14
CA GLU B 67 -6.93 -21.70 24.86
C GLU B 67 -7.67 -21.58 26.20
N ALA B 68 -8.71 -20.73 26.25
CA ALA B 68 -9.48 -20.40 27.47
C ALA B 68 -10.60 -21.44 27.69
N LYS B 69 -10.98 -22.19 26.65
CA LYS B 69 -12.20 -23.04 26.62
C LYS B 69 -12.15 -24.05 27.78
N ASP B 70 -13.17 -24.01 28.66
CA ASP B 70 -13.42 -24.97 29.78
C ASP B 70 -12.53 -24.67 30.99
N GLU B 71 -11.58 -23.72 30.90
CA GLU B 71 -10.52 -23.52 31.91
C GLU B 71 -10.44 -22.07 32.39
N ALA B 72 -10.74 -21.08 31.54
CA ALA B 72 -10.74 -19.65 31.93
C ALA B 72 -11.69 -18.80 31.09
N THR B 73 -11.78 -17.53 31.44
CA THR B 73 -12.43 -16.46 30.64
C THR B 73 -11.37 -15.83 29.72
N ASP B 74 -11.77 -15.43 28.52
CA ASP B 74 -10.96 -14.60 27.59
C ASP B 74 -10.32 -13.45 28.38
N GLY B 75 -9.01 -13.24 28.23
CA GLY B 75 -8.30 -12.09 28.84
C GLY B 75 -7.79 -12.40 30.23
N GLU B 76 -7.90 -13.67 30.68
CA GLU B 76 -7.61 -14.05 32.08
C GLU B 76 -6.09 -14.19 32.24
N ILE B 77 -5.51 -13.31 33.05
CA ILE B 77 -4.08 -13.30 33.45
C ILE B 77 -3.93 -14.24 34.66
N ARG B 78 -3.21 -15.35 34.49
CA ARG B 78 -2.81 -16.27 35.59
C ARG B 78 -1.29 -16.38 35.60
N GLU B 79 -0.74 -17.08 36.60
CA GLU B 79 0.72 -17.34 36.77
C GLU B 79 0.89 -18.76 37.30
N MET B 80 1.85 -19.49 36.74
CA MET B 80 2.20 -20.88 37.13
C MET B 80 3.73 -20.94 37.32
N HIS B 81 4.20 -20.90 38.57
CA HIS B 81 5.64 -20.91 38.99
C HIS B 81 6.33 -19.61 38.54
N GLY B 82 5.67 -18.46 38.71
CA GLY B 82 6.22 -17.12 38.37
C GLY B 82 6.00 -16.72 36.91
N VAL B 83 5.59 -17.65 36.05
CA VAL B 83 5.45 -17.50 34.57
C VAL B 83 4.02 -17.10 34.23
N PRO B 84 3.78 -15.95 33.56
CA PRO B 84 2.42 -15.58 33.13
C PRO B 84 1.85 -16.61 32.15
N VAL B 85 0.59 -16.99 32.38
CA VAL B 85 -0.26 -17.83 31.49
C VAL B 85 -1.49 -16.96 31.20
N ILE B 86 -1.62 -16.49 29.96
CA ILE B 86 -2.76 -15.64 29.54
C ILE B 86 -3.65 -16.51 28.64
N TYR B 87 -4.94 -16.54 28.96
CA TYR B 87 -5.98 -17.33 28.25
C TYR B 87 -6.79 -16.41 27.34
N LEU B 88 -6.91 -16.86 26.10
CA LEU B 88 -7.71 -16.16 25.07
C LEU B 88 -8.73 -17.16 24.59
N SER B 89 -9.95 -16.70 24.33
N SER B 89 -9.95 -16.70 24.35
CA SER B 89 -11.02 -17.48 23.69
C SER B 89 -10.74 -17.48 22.18
N GLN B 90 -11.09 -18.55 21.48
CA GLN B 90 -10.96 -18.66 20.00
C GLN B 90 -9.49 -18.41 19.60
N LEU B 91 -8.54 -18.99 20.35
CA LEU B 91 -7.08 -18.84 20.10
C LEU B 91 -6.74 -19.30 18.68
N ASN B 92 -7.30 -20.40 18.19
CA ASN B 92 -7.01 -20.91 16.80
C ASN B 92 -7.33 -19.80 15.80
N GLU B 93 -8.44 -19.09 16.01
CA GLU B 93 -8.96 -18.05 15.06
C GLU B 93 -8.14 -16.77 15.18
N ARG B 94 -7.47 -16.53 16.33
CA ARG B 94 -6.76 -15.24 16.61
C ARG B 94 -5.23 -15.43 16.50
N LEU B 95 -4.79 -16.67 16.27
CA LEU B 95 -3.34 -16.99 16.22
C LEU B 95 -2.69 -16.20 15.09
N SER B 96 -3.38 -16.03 13.95
CA SER B 96 -2.79 -15.26 12.82
C SER B 96 -2.53 -13.81 13.26
N ALA B 97 -3.49 -13.18 13.91
CA ALA B 97 -3.41 -11.77 14.37
C ALA B 97 -2.30 -11.65 15.42
N LEU B 98 -2.16 -12.65 16.28
CA LEU B 98 -1.22 -12.63 17.42
C LEU B 98 0.22 -12.72 16.87
N ALA B 99 0.46 -13.67 15.99
CA ALA B 99 1.78 -13.87 15.34
C ALA B 99 2.07 -12.69 14.41
N GLY B 100 1.04 -12.14 13.73
CA GLY B 100 1.20 -10.91 12.91
C GLY B 100 1.74 -9.74 13.73
N ARG B 101 1.14 -9.47 14.88
CA ARG B 101 1.65 -8.42 15.79
C ARG B 101 3.08 -8.77 16.27
N PHE B 102 3.34 -10.02 16.63
CA PHE B 102 4.64 -10.50 17.17
C PHE B 102 5.76 -10.24 16.15
N TYR B 103 5.51 -10.49 14.85
CA TYR B 103 6.51 -10.36 13.74
C TYR B 103 6.37 -9.02 12.97
N HIS B 104 5.82 -7.99 13.61
CA HIS B 104 5.79 -6.59 13.12
C HIS B 104 5.03 -6.46 11.79
N GLU B 105 3.91 -7.18 11.65
CA GLU B 105 2.93 -7.03 10.52
C GLU B 105 3.66 -7.09 9.17
N PRO B 106 4.27 -8.25 8.80
CA PRO B 106 4.97 -8.35 7.51
C PRO B 106 4.09 -8.10 6.27
N SER B 107 2.80 -8.46 6.28
CA SER B 107 1.91 -8.24 5.12
C SER B 107 1.59 -6.75 4.93
N ASP B 108 1.82 -5.91 5.93
CA ASP B 108 1.74 -4.42 5.80
C ASP B 108 3.05 -3.81 5.27
N ASN B 109 4.15 -4.58 5.17
CA ASN B 109 5.49 -4.08 4.74
C ASN B 109 5.92 -4.70 3.39
N LEU B 110 5.01 -5.37 2.68
CA LEU B 110 5.22 -5.77 1.26
C LEU B 110 3.84 -5.93 0.62
N ARG B 111 3.77 -6.05 -0.71
CA ARG B 111 2.51 -6.29 -1.46
C ARG B 111 2.30 -7.81 -1.52
N LEU B 112 1.27 -8.31 -0.86
CA LEU B 112 1.00 -9.76 -0.77
C LEU B 112 -0.18 -10.09 -1.66
N VAL B 113 0.00 -11.00 -2.60
CA VAL B 113 -1.10 -11.54 -3.44
C VAL B 113 -1.29 -13.02 -3.07
N GLY B 114 -2.52 -13.37 -2.69
CA GLY B 114 -2.98 -14.73 -2.42
C GLY B 114 -3.57 -15.36 -3.66
N VAL B 115 -3.20 -16.60 -3.96
CA VAL B 115 -3.84 -17.34 -5.09
C VAL B 115 -4.50 -18.57 -4.50
N THR B 116 -5.81 -18.70 -4.70
N THR B 116 -5.82 -18.69 -4.70
CA THR B 116 -6.58 -19.88 -4.24
CA THR B 116 -6.70 -19.79 -4.23
C THR B 116 -7.28 -20.54 -5.44
C THR B 116 -7.27 -20.54 -5.44
N GLY B 117 -7.60 -21.83 -5.28
CA GLY B 117 -8.21 -22.66 -6.33
C GLY B 117 -7.58 -24.04 -6.32
N THR B 118 -8.11 -24.99 -7.07
CA THR B 118 -7.59 -26.38 -7.01
C THR B 118 -6.35 -26.48 -7.89
N ASN B 119 -6.34 -25.83 -9.05
CA ASN B 119 -5.21 -25.92 -10.01
C ASN B 119 -4.62 -24.54 -10.27
N GLY B 120 -3.38 -24.52 -10.78
CA GLY B 120 -2.73 -23.32 -11.34
C GLY B 120 -2.30 -22.35 -10.28
N LYS B 121 -2.21 -22.77 -9.01
CA LYS B 121 -1.73 -21.91 -7.91
C LYS B 121 -0.23 -21.74 -8.06
N THR B 122 0.50 -22.83 -8.34
CA THR B 122 1.98 -22.79 -8.40
C THR B 122 2.34 -21.84 -9.55
N THR B 123 1.78 -22.08 -10.72
CA THR B 123 2.08 -21.31 -11.96
C THR B 123 1.66 -19.85 -11.80
N THR B 124 0.43 -19.57 -11.33
CA THR B 124 -0.07 -18.19 -11.24
C THR B 124 0.79 -17.39 -10.24
N THR B 125 1.07 -17.97 -9.06
N THR B 125 1.07 -17.95 -9.06
CA THR B 125 1.97 -17.38 -8.02
CA THR B 125 1.97 -17.31 -8.05
C THR B 125 3.32 -17.10 -8.69
C THR B 125 3.33 -17.08 -8.69
N GLN B 126 3.86 -18.07 -9.43
CA GLN B 126 5.18 -17.91 -10.08
C GLN B 126 5.12 -16.75 -11.08
N LEU B 127 4.05 -16.64 -11.88
CA LEU B 127 3.99 -15.57 -12.89
C LEU B 127 3.91 -14.22 -12.18
N LEU B 128 3.13 -14.13 -11.10
CA LEU B 128 2.95 -12.87 -10.34
C LEU B 128 4.31 -12.39 -9.83
N ALA B 129 5.05 -13.27 -9.17
CA ALA B 129 6.38 -12.98 -8.59
C ALA B 129 7.38 -12.58 -9.69
N GLN B 130 7.54 -13.39 -10.75
CA GLN B 130 8.40 -13.06 -11.92
C GLN B 130 8.01 -11.71 -12.53
N TRP B 131 6.73 -11.48 -12.84
CA TRP B 131 6.34 -10.28 -13.62
C TRP B 131 6.58 -9.02 -12.76
N SER B 132 6.10 -9.03 -11.53
CA SER B 132 6.30 -7.92 -10.57
C SER B 132 7.82 -7.64 -10.45
N GLN B 133 8.65 -8.69 -10.40
CA GLN B 133 10.14 -8.52 -10.29
C GLN B 133 10.66 -7.88 -11.58
N LEU B 134 10.13 -8.25 -12.76
CA LEU B 134 10.50 -7.64 -14.06
C LEU B 134 10.13 -6.15 -14.04
N LEU B 135 9.12 -5.74 -13.26
CA LEU B 135 8.73 -4.29 -13.17
C LEU B 135 9.47 -3.60 -12.01
N GLY B 136 10.42 -4.27 -11.35
CA GLY B 136 11.34 -3.63 -10.39
C GLY B 136 11.09 -4.01 -8.93
N GLU B 137 10.08 -4.82 -8.61
CA GLU B 137 9.92 -5.37 -7.24
C GLU B 137 11.06 -6.35 -6.94
N ILE B 138 11.32 -6.61 -5.66
CA ILE B 138 12.09 -7.81 -5.21
C ILE B 138 11.04 -8.82 -4.72
N SER B 139 10.78 -9.86 -5.53
CA SER B 139 9.54 -10.67 -5.42
C SER B 139 9.86 -12.00 -4.74
N ALA B 140 8.92 -12.53 -3.95
CA ALA B 140 9.04 -13.84 -3.28
C ALA B 140 7.81 -14.68 -3.57
N VAL B 141 7.93 -15.98 -3.33
CA VAL B 141 6.81 -16.95 -3.43
C VAL B 141 6.79 -17.70 -2.11
N MET B 142 5.58 -18.00 -1.68
CA MET B 142 5.27 -18.99 -0.63
C MET B 142 4.26 -19.96 -1.23
N GLY B 143 4.67 -21.20 -1.44
CA GLY B 143 3.78 -22.23 -1.96
C GLY B 143 4.31 -23.64 -1.83
N THR B 144 3.91 -24.50 -2.76
CA THR B 144 4.08 -25.98 -2.67
C THR B 144 5.55 -26.31 -3.01
N VAL B 145 6.18 -25.55 -3.90
CA VAL B 145 7.60 -25.76 -4.28
C VAL B 145 8.52 -25.11 -3.23
N GLY B 146 7.93 -24.42 -2.22
CA GLY B 146 8.62 -23.88 -1.03
C GLY B 146 8.50 -22.36 -0.91
N ASN B 147 9.38 -21.75 -0.11
CA ASN B 147 9.38 -20.30 0.21
C ASN B 147 10.76 -19.70 -0.07
N GLY B 148 10.80 -18.47 -0.59
CA GLY B 148 12.03 -17.67 -0.72
C GLY B 148 11.90 -16.61 -1.78
N LEU B 149 12.88 -15.70 -1.83
CA LEU B 149 13.10 -14.78 -2.99
C LEU B 149 13.15 -15.62 -4.28
N LEU B 150 12.70 -15.07 -5.41
CA LEU B 150 12.71 -15.79 -6.71
C LEU B 150 14.07 -16.46 -6.94
N GLY B 151 14.05 -17.74 -7.36
CA GLY B 151 15.25 -18.56 -7.66
C GLY B 151 16.01 -19.00 -6.41
N LYS B 152 15.50 -18.70 -5.20
CA LYS B 152 16.16 -19.02 -3.91
C LYS B 152 15.12 -19.63 -2.98
N VAL B 153 14.30 -20.53 -3.52
CA VAL B 153 13.09 -21.08 -2.86
C VAL B 153 13.49 -22.34 -2.08
N ILE B 154 13.37 -22.28 -0.76
CA ILE B 154 13.82 -23.32 0.22
C ILE B 154 12.66 -24.30 0.43
N PRO B 155 12.77 -25.60 0.06
CA PRO B 155 11.67 -26.56 0.24
C PRO B 155 11.52 -27.10 1.67
N GLY B 161 2.44 -26.46 8.77
CA GLY B 161 2.46 -25.01 8.46
C GLY B 161 1.36 -24.26 9.19
N SER B 162 1.61 -23.85 10.43
CA SER B 162 0.66 -23.09 11.30
C SER B 162 0.56 -21.62 10.88
N ALA B 163 -0.40 -20.91 11.45
CA ALA B 163 -0.62 -19.45 11.29
C ALA B 163 0.61 -18.69 11.81
N VAL B 164 1.34 -19.24 12.80
CA VAL B 164 2.61 -18.65 13.32
C VAL B 164 3.73 -18.81 12.28
N ASP B 165 3.86 -19.98 11.66
CA ASP B 165 4.92 -20.30 10.65
C ASP B 165 4.75 -19.39 9.44
N VAL B 166 3.49 -19.16 9.02
CA VAL B 166 3.18 -18.27 7.86
C VAL B 166 3.69 -16.85 8.14
N GLN B 167 3.40 -16.30 9.32
CA GLN B 167 3.75 -14.90 9.67
C GLN B 167 5.27 -14.82 9.84
N HIS B 168 5.86 -15.86 10.45
CA HIS B 168 7.31 -15.98 10.70
C HIS B 168 8.02 -15.94 9.35
N GLU B 169 7.65 -16.83 8.43
CA GLU B 169 8.26 -16.94 7.06
C GLU B 169 8.05 -15.63 6.28
N LEU B 170 6.87 -15.01 6.35
CA LEU B 170 6.63 -13.72 5.66
C LEU B 170 7.59 -12.64 6.23
N ALA B 171 7.76 -12.57 7.55
CA ALA B 171 8.73 -11.67 8.22
C ALA B 171 10.15 -11.96 7.74
N GLY B 172 10.50 -13.24 7.54
CA GLY B 172 11.81 -13.64 6.96
C GLY B 172 12.02 -13.04 5.57
N LEU B 173 10.99 -13.07 4.73
CA LEU B 173 11.07 -12.51 3.37
C LEU B 173 11.16 -10.98 3.47
N VAL B 174 10.45 -10.35 4.40
CA VAL B 174 10.51 -8.86 4.58
C VAL B 174 11.96 -8.50 4.89
N ASP B 175 12.62 -9.27 5.77
CA ASP B 175 14.00 -8.97 6.26
C ASP B 175 15.03 -9.15 5.15
N GLN B 176 14.80 -10.10 4.24
CA GLN B 176 15.67 -10.36 3.06
C GLN B 176 15.46 -9.29 1.99
N GLY B 177 14.50 -8.37 2.19
CA GLY B 177 14.28 -7.18 1.33
C GLY B 177 13.11 -7.32 0.35
N ALA B 178 12.29 -8.37 0.46
CA ALA B 178 11.17 -8.62 -0.49
C ALA B 178 10.16 -7.46 -0.37
N THR B 179 9.70 -6.94 -1.50
CA THR B 179 8.67 -5.87 -1.60
C THR B 179 7.35 -6.44 -2.15
N PHE B 180 7.37 -7.69 -2.61
CA PHE B 180 6.20 -8.36 -3.24
C PHE B 180 6.28 -9.85 -2.95
N CYS B 181 5.19 -10.44 -2.50
CA CYS B 181 5.10 -11.90 -2.26
C CYS B 181 3.85 -12.48 -2.93
N ALA B 182 4.04 -13.54 -3.71
CA ALA B 182 2.97 -14.37 -4.28
C ALA B 182 2.85 -15.64 -3.43
N MET B 183 1.69 -15.84 -2.83
CA MET B 183 1.43 -16.89 -1.82
C MET B 183 0.32 -17.83 -2.31
N GLU B 184 0.59 -19.14 -2.32
CA GLU B 184 -0.46 -20.18 -2.55
C GLU B 184 -1.34 -20.32 -1.30
N VAL B 185 -2.64 -20.16 -1.42
CA VAL B 185 -3.52 -20.38 -0.24
C VAL B 185 -4.35 -21.64 -0.50
N SER B 186 -3.96 -22.75 0.12
CA SER B 186 -4.71 -24.04 0.13
C SER B 186 -6.09 -23.82 0.75
N SER B 187 -7.12 -24.51 0.23
CA SER B 187 -8.49 -24.57 0.81
C SER B 187 -8.40 -24.92 2.31
N HIS B 188 -7.51 -25.82 2.71
CA HIS B 188 -7.34 -26.29 4.11
C HIS B 188 -6.74 -25.18 4.97
N GLY B 189 -5.75 -24.47 4.45
CA GLY B 189 -5.14 -23.27 5.08
C GLY B 189 -6.19 -22.27 5.50
N LEU B 190 -7.08 -21.89 4.58
CA LEU B 190 -8.11 -20.84 4.83
C LEU B 190 -9.05 -21.24 5.97
N VAL B 191 -9.64 -22.44 5.87
CA VAL B 191 -10.59 -22.99 6.88
C VAL B 191 -9.88 -23.13 8.24
N GLN B 192 -8.59 -23.45 8.28
CA GLN B 192 -7.79 -23.59 9.53
C GLN B 192 -7.31 -22.22 10.04
N HIS B 193 -7.63 -21.10 9.38
CA HIS B 193 -7.34 -19.71 9.86
C HIS B 193 -5.82 -19.41 9.77
N ARG B 194 -5.12 -20.13 8.88
CA ARG B 194 -3.66 -19.98 8.69
C ARG B 194 -3.31 -18.61 8.10
N VAL B 195 -4.22 -17.96 7.36
CA VAL B 195 -3.94 -16.63 6.74
C VAL B 195 -4.94 -15.58 7.21
N ALA B 196 -5.61 -15.85 8.35
CA ALA B 196 -6.75 -15.05 8.86
C ALA B 196 -6.39 -13.57 9.05
N ALA B 197 -5.17 -13.18 9.47
CA ALA B 197 -4.86 -11.75 9.70
C ALA B 197 -3.96 -11.16 8.62
N LEU B 198 -3.76 -11.83 7.48
CA LEU B 198 -2.87 -11.29 6.43
C LEU B 198 -3.59 -10.19 5.64
N LYS B 199 -2.93 -9.05 5.45
CA LYS B 199 -3.41 -7.97 4.55
C LYS B 199 -3.04 -8.36 3.11
N PHE B 200 -3.95 -9.03 2.43
CA PHE B 200 -3.81 -9.35 0.98
C PHE B 200 -4.07 -8.07 0.19
N ALA B 201 -3.15 -7.69 -0.69
CA ALA B 201 -3.34 -6.59 -1.67
C ALA B 201 -4.33 -7.05 -2.75
N ALA B 202 -4.28 -8.34 -3.09
CA ALA B 202 -5.18 -8.97 -4.09
C ALA B 202 -5.34 -10.46 -3.78
N SER B 203 -6.54 -10.99 -4.03
CA SER B 203 -6.91 -12.41 -3.87
C SER B 203 -7.32 -12.92 -5.26
N VAL B 204 -6.60 -13.92 -5.77
CA VAL B 204 -6.85 -14.49 -7.12
C VAL B 204 -7.57 -15.85 -6.97
N PHE B 205 -8.63 -16.07 -7.75
CA PHE B 205 -9.39 -17.34 -7.78
C PHE B 205 -9.18 -17.98 -9.14
N THR B 206 -8.50 -19.12 -9.19
CA THR B 206 -8.19 -19.83 -10.46
C THR B 206 -9.41 -20.66 -10.90
N ASN B 207 -9.85 -21.59 -10.06
CA ASN B 207 -10.90 -22.58 -10.43
C ASN B 207 -11.24 -23.45 -9.21
N LEU B 208 -12.31 -24.26 -9.31
CA LEU B 208 -12.77 -25.25 -8.29
C LEU B 208 -13.21 -26.54 -9.01
N SER B 209 -12.40 -27.61 -8.92
CA SER B 209 -12.58 -28.91 -9.64
C SER B 209 -11.82 -30.03 -8.92
N ASP B 218 -26.04 -29.18 0.11
CA ASP B 218 -24.61 -29.40 0.46
C ASP B 218 -23.75 -28.33 -0.22
N MET B 219 -23.93 -28.12 -1.53
CA MET B 219 -23.33 -26.97 -2.25
C MET B 219 -23.80 -25.68 -1.56
N GLU B 220 -24.99 -25.68 -0.96
CA GLU B 220 -25.47 -24.55 -0.13
C GLU B 220 -24.60 -24.43 1.13
N HIS B 221 -24.31 -25.55 1.82
CA HIS B 221 -23.46 -25.51 3.05
C HIS B 221 -22.05 -25.03 2.69
N TYR B 222 -21.50 -25.54 1.58
CA TYR B 222 -20.09 -25.32 1.17
C TYR B 222 -19.90 -23.83 0.84
N GLU B 223 -20.76 -23.27 -0.01
CA GLU B 223 -20.70 -21.85 -0.45
C GLU B 223 -20.87 -20.94 0.77
N ALA B 224 -21.75 -21.28 1.71
CA ALA B 224 -21.99 -20.49 2.94
C ALA B 224 -20.74 -20.45 3.81
N ALA B 225 -20.20 -21.61 4.14
CA ALA B 225 -18.97 -21.71 4.96
C ALA B 225 -17.89 -20.84 4.32
N LYS B 226 -17.72 -20.89 3.00
CA LYS B 226 -16.64 -20.18 2.26
C LYS B 226 -16.94 -18.66 2.25
N TRP B 227 -18.18 -18.25 1.95
CA TRP B 227 -18.58 -16.81 1.96
C TRP B 227 -18.25 -16.19 3.32
N LEU B 228 -18.68 -16.86 4.39
CA LEU B 228 -18.41 -16.47 5.80
C LEU B 228 -16.89 -16.29 5.97
N LEU B 229 -16.11 -17.30 5.62
CA LEU B 229 -14.61 -17.29 5.74
C LEU B 229 -14.02 -16.07 4.99
N TYR B 230 -14.49 -15.79 3.77
CA TYR B 230 -14.02 -14.67 2.91
C TYR B 230 -14.33 -13.36 3.60
N SER B 231 -15.56 -13.18 4.13
CA SER B 231 -16.02 -11.94 4.81
C SER B 231 -15.07 -11.64 5.99
N GLU B 232 -14.47 -12.66 6.58
CA GLU B 232 -13.60 -12.50 7.77
C GLU B 232 -12.19 -12.03 7.36
N HIS B 233 -11.79 -12.15 6.08
CA HIS B 233 -10.39 -11.90 5.64
C HIS B 233 -10.28 -10.51 5.00
N HIS B 234 -9.09 -9.94 5.04
CA HIS B 234 -8.68 -8.76 4.25
C HIS B 234 -8.18 -9.29 2.89
N CYS B 235 -9.09 -9.33 1.90
CA CYS B 235 -8.88 -9.97 0.57
C CYS B 235 -8.29 -8.99 -0.45
N GLY B 236 -8.44 -7.68 -0.20
CA GLY B 236 -8.03 -6.62 -1.12
C GLY B 236 -8.77 -6.78 -2.42
N GLN B 237 -8.10 -6.55 -3.54
CA GLN B 237 -8.74 -6.66 -4.89
C GLN B 237 -8.95 -8.13 -5.24
N ALA B 238 -10.17 -8.47 -5.62
CA ALA B 238 -10.57 -9.84 -6.01
C ALA B 238 -10.42 -9.94 -7.53
N ILE B 239 -9.69 -10.96 -7.96
CA ILE B 239 -9.47 -11.28 -9.39
C ILE B 239 -9.94 -12.71 -9.56
N ILE B 240 -10.95 -12.91 -10.39
CA ILE B 240 -11.70 -14.18 -10.47
C ILE B 240 -11.83 -14.63 -11.92
N ASN B 241 -11.52 -15.91 -12.12
CA ASN B 241 -11.69 -16.67 -13.37
C ASN B 241 -13.18 -16.85 -13.65
N ALA B 242 -13.74 -16.06 -14.55
CA ALA B 242 -15.16 -16.15 -14.99
C ALA B 242 -15.41 -17.41 -15.83
N ASP B 243 -14.35 -18.15 -16.22
CA ASP B 243 -14.44 -19.42 -16.98
C ASP B 243 -14.82 -20.59 -16.06
N ASP B 244 -14.66 -20.44 -14.74
CA ASP B 244 -15.15 -21.39 -13.71
C ASP B 244 -16.59 -21.02 -13.27
N GLU B 245 -17.49 -22.01 -13.17
CA GLU B 245 -18.92 -21.79 -12.86
C GLU B 245 -19.07 -21.18 -11.47
N VAL B 246 -18.29 -21.63 -10.48
CA VAL B 246 -18.29 -21.04 -9.10
C VAL B 246 -17.69 -19.63 -9.19
N GLY B 247 -16.61 -19.44 -9.94
CA GLY B 247 -16.08 -18.11 -10.30
C GLY B 247 -17.19 -17.14 -10.67
N ARG B 248 -18.08 -17.53 -11.57
CA ARG B 248 -19.17 -16.64 -12.10
C ARG B 248 -20.15 -16.29 -10.97
N ARG B 249 -20.54 -17.24 -10.14
CA ARG B 249 -21.62 -16.97 -9.15
C ARG B 249 -21.05 -16.02 -8.08
N TRP B 250 -19.77 -16.20 -7.71
CA TRP B 250 -19.03 -15.28 -6.81
C TRP B 250 -18.88 -13.88 -7.44
N LEU B 251 -18.65 -13.78 -8.75
CA LEU B 251 -18.56 -12.48 -9.48
C LEU B 251 -19.90 -11.74 -9.43
N ALA B 252 -21.01 -12.47 -9.51
CA ALA B 252 -22.37 -11.88 -9.43
C ALA B 252 -22.51 -11.08 -8.12
N LYS B 253 -21.80 -11.47 -7.05
CA LYS B 253 -21.95 -10.89 -5.68
C LYS B 253 -20.83 -9.90 -5.34
N LEU B 254 -19.87 -9.69 -6.25
CA LEU B 254 -18.67 -8.86 -6.00
C LEU B 254 -18.52 -7.87 -7.15
N PRO B 255 -19.20 -6.70 -7.08
CA PRO B 255 -19.18 -5.75 -8.19
C PRO B 255 -17.83 -5.03 -8.36
N ASP B 256 -16.93 -5.09 -7.36
CA ASP B 256 -15.57 -4.51 -7.43
C ASP B 256 -14.51 -5.55 -7.87
N ALA B 257 -14.87 -6.81 -8.10
CA ALA B 257 -13.91 -7.87 -8.51
C ALA B 257 -13.56 -7.71 -9.98
N VAL B 258 -12.38 -8.18 -10.42
CA VAL B 258 -12.00 -8.22 -11.87
C VAL B 258 -12.40 -9.59 -12.43
N ALA B 259 -13.14 -9.60 -13.54
CA ALA B 259 -13.53 -10.84 -14.25
C ALA B 259 -12.51 -11.09 -15.36
N VAL B 260 -12.02 -12.33 -15.45
CA VAL B 260 -10.96 -12.74 -16.41
C VAL B 260 -11.51 -13.92 -17.20
N SER B 261 -11.43 -13.90 -18.53
CA SER B 261 -11.96 -15.00 -19.38
C SER B 261 -11.11 -15.19 -20.64
N MET B 262 -11.05 -16.44 -21.10
CA MET B 262 -10.54 -16.79 -22.44
C MET B 262 -11.61 -17.58 -23.21
N GLU B 263 -12.76 -17.85 -22.61
CA GLU B 263 -13.86 -18.70 -23.18
C GLU B 263 -15.18 -17.93 -23.23
N ASP B 264 -15.15 -16.59 -23.29
CA ASP B 264 -16.31 -15.75 -23.66
C ASP B 264 -17.30 -15.52 -22.50
N HIS B 265 -16.85 -15.50 -21.24
CA HIS B 265 -17.75 -15.42 -20.06
C HIS B 265 -17.76 -14.02 -19.41
N ILE B 266 -17.10 -13.03 -20.00
CA ILE B 266 -17.18 -11.61 -19.56
C ILE B 266 -18.58 -11.10 -19.93
N ASN B 267 -19.39 -10.73 -18.95
CA ASN B 267 -20.65 -9.98 -19.18
C ASN B 267 -20.41 -8.48 -18.93
N PRO B 268 -20.18 -7.68 -19.99
CA PRO B 268 -19.88 -6.26 -19.81
C PRO B 268 -21.02 -5.49 -19.11
N ASN B 269 -22.29 -5.88 -19.31
CA ASN B 269 -23.46 -5.24 -18.64
C ASN B 269 -23.20 -5.20 -17.13
N CYS B 270 -22.54 -6.23 -16.58
CA CYS B 270 -22.35 -6.46 -15.12
C CYS B 270 -20.92 -6.03 -14.74
N HIS B 271 -20.01 -7.01 -14.60
CA HIS B 271 -18.54 -6.85 -14.45
C HIS B 271 -18.13 -5.45 -14.93
N GLY B 272 -17.79 -4.55 -14.00
CA GLY B 272 -17.16 -3.25 -14.29
C GLY B 272 -15.80 -3.48 -14.90
N ARG B 273 -14.90 -4.12 -14.17
CA ARG B 273 -13.50 -4.36 -14.63
C ARG B 273 -13.35 -5.80 -15.15
N TRP B 274 -12.72 -5.93 -16.32
CA TRP B 274 -12.56 -7.25 -16.98
C TRP B 274 -11.30 -7.33 -17.86
N LEU B 275 -10.91 -8.56 -18.16
CA LEU B 275 -9.84 -8.90 -19.13
C LEU B 275 -10.24 -10.20 -19.80
N LYS B 276 -10.23 -10.23 -21.13
CA LYS B 276 -10.60 -11.43 -21.90
C LYS B 276 -9.62 -11.61 -23.07
N ALA B 277 -9.20 -12.84 -23.29
CA ALA B 277 -8.45 -13.25 -24.49
C ALA B 277 -9.48 -13.25 -25.61
N THR B 278 -9.25 -12.48 -26.66
CA THR B 278 -10.13 -12.44 -27.86
C THR B 278 -9.61 -13.46 -28.88
N GLU B 279 -8.29 -13.55 -29.07
CA GLU B 279 -7.71 -14.54 -30.00
C GLU B 279 -6.42 -15.10 -29.39
N VAL B 280 -6.29 -16.43 -29.42
CA VAL B 280 -5.07 -17.15 -29.01
C VAL B 280 -4.63 -17.97 -30.19
N ASN B 281 -3.37 -17.77 -30.61
CA ASN B 281 -2.65 -18.63 -31.59
C ASN B 281 -1.64 -19.47 -30.79
N TYR B 282 -1.89 -20.77 -30.69
CA TYR B 282 -0.97 -21.76 -30.08
C TYR B 282 0.03 -22.17 -31.16
N HIS B 283 1.31 -21.83 -30.99
CA HIS B 283 2.36 -22.06 -32.01
C HIS B 283 3.47 -22.92 -31.39
N ASP B 284 4.58 -23.13 -32.09
CA ASP B 284 5.48 -24.26 -31.77
C ASP B 284 6.40 -23.86 -30.60
N SER B 285 6.33 -22.62 -30.10
CA SER B 285 7.20 -22.13 -29.00
C SER B 285 6.42 -21.35 -27.94
N GLY B 286 5.09 -21.36 -27.99
CA GLY B 286 4.25 -20.67 -27.02
C GLY B 286 2.92 -20.25 -27.62
N ALA B 287 2.37 -19.14 -27.14
CA ALA B 287 1.02 -18.68 -27.46
C ALA B 287 1.05 -17.16 -27.65
N THR B 288 0.51 -16.69 -28.77
CA THR B 288 0.20 -15.29 -29.09
C THR B 288 -1.20 -14.99 -28.61
N ILE B 289 -1.32 -14.20 -27.55
CA ILE B 289 -2.60 -13.89 -26.86
C ILE B 289 -2.98 -12.45 -27.20
N ARG B 290 -4.09 -12.26 -27.92
CA ARG B 290 -4.73 -10.95 -28.16
C ARG B 290 -5.82 -10.81 -27.11
N PHE B 291 -5.91 -9.65 -26.48
CA PHE B 291 -6.84 -9.45 -25.34
C PHE B 291 -7.33 -8.00 -25.34
N SER B 292 -8.57 -7.84 -24.86
N SER B 292 -8.57 -7.85 -24.87
CA SER B 292 -9.16 -6.52 -24.51
CA SER B 292 -9.21 -6.55 -24.50
C SER B 292 -9.38 -6.50 -22.99
C SER B 292 -9.32 -6.51 -22.98
N SER B 293 -9.35 -5.32 -22.40
CA SER B 293 -9.48 -5.11 -20.94
C SER B 293 -9.94 -3.69 -20.66
N SER B 294 -10.49 -3.48 -19.47
CA SER B 294 -10.91 -2.14 -19.02
C SER B 294 -9.70 -1.22 -18.89
N TRP B 295 -8.46 -1.76 -18.97
CA TRP B 295 -7.21 -0.96 -18.98
C TRP B 295 -6.66 -0.72 -20.40
N GLY B 296 -7.38 -1.13 -21.44
CA GLY B 296 -6.89 -1.13 -22.83
C GLY B 296 -6.57 -2.52 -23.36
N ASP B 297 -6.19 -2.58 -24.64
CA ASP B 297 -6.10 -3.80 -25.46
C ASP B 297 -4.63 -4.04 -25.75
N GLY B 298 -4.25 -5.27 -26.12
CA GLY B 298 -2.84 -5.62 -26.26
C GLY B 298 -2.65 -6.97 -26.91
N GLU B 299 -1.40 -7.34 -27.12
CA GLU B 299 -0.98 -8.66 -27.63
C GLU B 299 0.22 -9.08 -26.80
N ILE B 300 0.17 -10.28 -26.22
CA ILE B 300 1.25 -10.89 -25.38
C ILE B 300 1.86 -12.06 -26.14
N GLU B 301 3.19 -12.11 -26.25
CA GLU B 301 3.94 -13.30 -26.70
C GLU B 301 4.29 -14.10 -25.45
N SER B 302 3.54 -15.15 -25.15
CA SER B 302 3.80 -16.04 -24.00
C SER B 302 4.67 -17.20 -24.45
N HIS B 303 5.60 -17.63 -23.61
CA HIS B 303 6.46 -18.81 -23.83
C HIS B 303 5.96 -20.00 -22.98
N LEU B 304 4.71 -19.94 -22.52
CA LEU B 304 4.04 -21.07 -21.82
C LEU B 304 3.14 -21.80 -22.81
N MET B 305 2.89 -23.08 -22.53
CA MET B 305 2.18 -24.03 -23.43
C MET B 305 0.80 -24.38 -22.84
N GLY B 306 -0.21 -24.50 -23.71
CA GLY B 306 -1.56 -24.99 -23.39
C GLY B 306 -2.50 -23.89 -22.92
N ALA B 307 -3.81 -24.20 -22.93
CA ALA B 307 -4.88 -23.23 -22.65
C ALA B 307 -4.90 -22.86 -21.17
N PHE B 308 -4.58 -23.80 -20.27
CA PHE B 308 -4.64 -23.53 -18.81
C PHE B 308 -3.60 -22.46 -18.44
N ASN B 309 -2.42 -22.47 -19.08
CA ASN B 309 -1.37 -21.45 -18.84
C ASN B 309 -1.73 -20.10 -19.48
N VAL B 310 -2.59 -20.05 -20.50
CA VAL B 310 -3.13 -18.74 -20.96
C VAL B 310 -3.99 -18.16 -19.83
N SER B 311 -4.92 -18.94 -19.30
CA SER B 311 -5.79 -18.56 -18.16
C SER B 311 -4.93 -18.07 -16.97
N ASN B 312 -3.89 -18.83 -16.61
CA ASN B 312 -3.00 -18.49 -15.47
C ASN B 312 -2.32 -17.14 -15.72
N LEU B 313 -1.74 -16.94 -16.90
CA LEU B 313 -1.07 -15.68 -17.33
C LEU B 313 -2.07 -14.51 -17.33
N LEU B 314 -3.28 -14.70 -17.86
CA LEU B 314 -4.35 -13.65 -17.86
C LEU B 314 -4.70 -13.24 -16.42
N LEU B 315 -4.80 -14.19 -15.50
CA LEU B 315 -5.14 -13.89 -14.09
C LEU B 315 -4.02 -13.07 -13.44
N ALA B 316 -2.75 -13.43 -13.64
CA ALA B 316 -1.58 -12.63 -13.22
C ALA B 316 -1.61 -11.22 -13.83
N LEU B 317 -1.88 -11.08 -15.14
CA LEU B 317 -1.98 -9.74 -15.81
C LEU B 317 -3.12 -8.90 -15.21
N ALA B 318 -4.34 -9.43 -15.10
CA ALA B 318 -5.51 -8.77 -14.48
C ALA B 318 -5.17 -8.25 -13.07
N THR B 319 -4.52 -9.12 -12.27
CA THR B 319 -4.08 -8.83 -10.87
C THR B 319 -3.12 -7.64 -10.87
N LEU B 320 -2.06 -7.67 -11.69
CA LEU B 320 -1.07 -6.58 -11.66
C LEU B 320 -1.71 -5.30 -12.23
N LEU B 321 -2.54 -5.37 -13.27
CA LEU B 321 -3.29 -4.18 -13.77
C LEU B 321 -4.11 -3.60 -12.60
N ALA B 322 -4.79 -4.45 -11.85
CA ALA B 322 -5.73 -4.03 -10.79
C ALA B 322 -4.95 -3.33 -9.69
N LEU B 323 -3.69 -3.73 -9.48
CA LEU B 323 -2.80 -3.17 -8.43
C LEU B 323 -2.09 -1.92 -8.95
N GLY B 324 -2.26 -1.55 -10.22
CA GLY B 324 -1.78 -0.24 -10.74
C GLY B 324 -0.52 -0.35 -11.59
N TYR B 325 -0.06 -1.56 -11.91
CA TYR B 325 1.14 -1.70 -12.78
C TYR B 325 0.71 -1.32 -14.21
N PRO B 326 1.47 -0.45 -14.91
CA PRO B 326 1.06 0.06 -16.20
C PRO B 326 1.05 -1.07 -17.24
N LEU B 327 -0.04 -1.16 -17.98
CA LEU B 327 -0.23 -2.12 -19.10
C LEU B 327 1.03 -2.13 -20.00
N ALA B 328 1.53 -0.97 -20.40
CA ALA B 328 2.65 -0.87 -21.36
C ALA B 328 3.89 -1.58 -20.79
N ASP B 329 4.16 -1.49 -19.49
CA ASP B 329 5.37 -2.09 -18.85
C ASP B 329 5.17 -3.60 -18.70
N LEU B 330 3.93 -4.05 -18.46
CA LEU B 330 3.58 -5.49 -18.39
C LEU B 330 3.70 -6.08 -19.79
N LEU B 331 3.18 -5.40 -20.80
CA LEU B 331 3.27 -5.89 -22.21
C LEU B 331 4.73 -6.07 -22.63
N LYS B 332 5.63 -5.14 -22.25
CA LYS B 332 7.03 -5.15 -22.72
C LYS B 332 7.85 -6.23 -21.99
N THR B 333 7.36 -6.80 -20.88
CA THR B 333 8.11 -7.78 -20.07
C THR B 333 7.54 -9.19 -20.18
N ALA B 334 6.38 -9.35 -20.81
CA ALA B 334 5.59 -10.62 -20.80
C ALA B 334 6.40 -11.74 -21.47
N ALA B 335 7.21 -11.43 -22.47
CA ALA B 335 8.02 -12.42 -23.22
C ALA B 335 9.13 -12.97 -22.30
N ARG B 336 9.39 -12.30 -21.18
CA ARG B 336 10.43 -12.79 -20.24
C ARG B 336 9.86 -13.76 -19.20
N LEU B 337 8.53 -13.90 -19.10
CA LEU B 337 7.86 -14.88 -18.20
C LEU B 337 8.27 -16.31 -18.58
N GLN B 338 8.72 -17.10 -17.61
CA GLN B 338 9.28 -18.47 -17.81
C GLN B 338 8.33 -19.50 -17.22
N PRO B 339 8.28 -20.74 -17.76
CA PRO B 339 7.49 -21.79 -17.16
C PRO B 339 8.09 -22.19 -15.80
N VAL B 340 7.31 -22.84 -14.94
CA VAL B 340 7.92 -23.59 -13.80
C VAL B 340 8.74 -24.74 -14.39
N CYS B 341 9.97 -24.87 -13.96
CA CYS B 341 10.91 -25.89 -14.44
C CYS B 341 10.19 -27.27 -14.52
N GLY B 342 10.17 -27.89 -15.70
CA GLY B 342 9.60 -29.25 -15.87
C GLY B 342 8.08 -29.27 -15.81
N ARG B 343 7.42 -28.10 -15.95
CA ARG B 343 5.93 -27.99 -16.08
C ARG B 343 5.61 -27.44 -17.48
N MET B 344 5.19 -28.33 -18.39
CA MET B 344 4.96 -28.00 -19.82
C MET B 344 6.06 -27.06 -20.31
N GLU B 345 7.31 -27.41 -20.05
CA GLU B 345 8.49 -26.59 -20.37
C GLU B 345 8.95 -26.87 -21.80
N VAL B 346 8.94 -25.83 -22.64
CA VAL B 346 9.13 -25.98 -24.10
C VAL B 346 10.61 -25.82 -24.41
N PHE B 347 11.12 -26.69 -25.28
CA PHE B 347 12.50 -26.64 -25.82
C PHE B 347 12.37 -26.60 -27.33
N THR B 348 12.83 -25.50 -27.96
CA THR B 348 12.78 -25.32 -29.42
C THR B 348 14.21 -25.13 -29.95
N ALA B 349 14.40 -25.51 -31.20
CA ALA B 349 15.63 -25.17 -31.93
C ALA B 349 15.24 -25.08 -33.39
N PRO B 350 15.98 -24.23 -34.14
CA PRO B 350 15.77 -24.06 -35.57
C PRO B 350 15.59 -25.38 -36.31
N GLY B 351 14.46 -25.51 -37.01
CA GLY B 351 14.16 -26.62 -37.94
C GLY B 351 14.06 -27.97 -37.26
N LYS B 352 13.79 -28.00 -35.94
CA LYS B 352 13.66 -29.25 -35.15
C LYS B 352 12.24 -29.35 -34.62
N PRO B 353 11.73 -30.56 -34.31
CA PRO B 353 10.48 -30.71 -33.56
C PRO B 353 10.53 -29.95 -32.23
N THR B 354 9.43 -29.28 -31.88
CA THR B 354 9.21 -28.73 -30.53
C THR B 354 9.19 -29.89 -29.53
N VAL B 355 9.90 -29.76 -28.43
CA VAL B 355 9.93 -30.80 -27.36
C VAL B 355 9.45 -30.16 -26.05
N VAL B 356 8.56 -30.84 -25.33
CA VAL B 356 7.98 -30.36 -24.05
C VAL B 356 8.30 -31.39 -22.98
N VAL B 357 8.86 -30.92 -21.88
CA VAL B 357 9.17 -31.79 -20.73
C VAL B 357 8.15 -31.45 -19.66
N ASP B 358 7.42 -32.47 -19.19
CA ASP B 358 6.39 -32.29 -18.14
C ASP B 358 6.51 -33.41 -17.11
N TYR B 359 6.21 -33.06 -15.87
CA TYR B 359 6.25 -33.98 -14.72
C TYR B 359 5.06 -34.98 -14.75
N ALA B 360 4.01 -34.77 -15.58
CA ALA B 360 2.79 -35.62 -15.65
C ALA B 360 3.15 -37.10 -15.52
N HIS B 361 2.67 -37.72 -14.45
CA HIS B 361 2.97 -39.14 -14.09
C HIS B 361 1.72 -39.86 -13.56
N THR B 362 0.53 -39.28 -13.82
CA THR B 362 -0.82 -39.87 -13.56
C THR B 362 -1.65 -39.85 -14.85
N PRO B 363 -2.66 -40.73 -15.00
CA PRO B 363 -3.52 -40.71 -16.20
C PRO B 363 -4.11 -39.33 -16.53
N ASP B 364 -4.65 -38.64 -15.52
N ASP B 364 -4.67 -38.66 -15.51
CA ASP B 364 -5.29 -37.32 -15.70
CA ASP B 364 -5.29 -37.31 -15.59
C ASP B 364 -4.24 -36.26 -16.03
C ASP B 364 -4.24 -36.28 -16.01
N ALA B 365 -3.08 -36.26 -15.36
CA ALA B 365 -1.99 -35.29 -15.63
C ALA B 365 -1.44 -35.52 -17.05
N LEU B 366 -1.27 -36.77 -17.49
CA LEU B 366 -0.77 -37.10 -18.86
C LEU B 366 -1.81 -36.69 -19.91
N GLU B 367 -3.08 -36.92 -19.64
CA GLU B 367 -4.18 -36.56 -20.57
C GLU B 367 -4.19 -35.03 -20.78
N LYS B 368 -4.10 -34.25 -19.71
CA LYS B 368 -4.09 -32.75 -19.81
C LYS B 368 -2.83 -32.25 -20.53
N ALA B 369 -1.65 -32.84 -20.27
CA ALA B 369 -0.37 -32.44 -20.89
C ALA B 369 -0.40 -32.67 -22.41
N LEU B 370 -0.93 -33.81 -22.87
CA LEU B 370 -1.12 -34.11 -24.33
C LEU B 370 -2.17 -33.20 -24.96
N GLN B 371 -3.29 -32.95 -24.27
CA GLN B 371 -4.32 -32.01 -24.78
C GLN B 371 -3.69 -30.63 -24.94
N ALA B 372 -2.88 -30.21 -23.96
CA ALA B 372 -2.12 -28.94 -24.00
C ALA B 372 -1.14 -28.95 -25.19
N ALA B 373 -0.26 -29.96 -25.29
CA ALA B 373 0.75 -30.09 -26.39
C ALA B 373 0.07 -30.10 -27.77
N ARG B 374 -1.08 -30.76 -27.91
CA ARG B 374 -1.82 -30.91 -29.20
C ARG B 374 -2.10 -29.51 -29.79
N LEU B 375 -2.52 -28.56 -28.95
CA LEU B 375 -2.89 -27.19 -29.37
C LEU B 375 -1.77 -26.59 -30.23
N HIS B 376 -0.51 -26.86 -29.89
CA HIS B 376 0.71 -26.26 -30.46
C HIS B 376 1.30 -27.12 -31.60
N CYS B 377 0.63 -28.21 -31.98
CA CYS B 377 1.18 -29.31 -32.81
C CYS B 377 0.46 -29.32 -34.15
N ALA B 378 1.12 -28.84 -35.20
CA ALA B 378 0.61 -28.87 -36.60
C ALA B 378 0.77 -30.28 -37.18
N GLY B 379 1.75 -31.07 -36.74
CA GLY B 379 1.99 -32.41 -37.31
C GLY B 379 1.50 -33.50 -36.39
N LYS B 380 2.41 -34.43 -36.07
CA LYS B 380 2.19 -35.60 -35.17
C LYS B 380 2.65 -35.27 -33.74
N LEU B 381 1.80 -35.62 -32.77
CA LEU B 381 2.14 -35.57 -31.33
C LEU B 381 2.77 -36.90 -30.89
N TRP B 382 4.00 -36.83 -30.42
CA TRP B 382 4.75 -37.97 -29.83
C TRP B 382 4.64 -37.91 -28.30
N CYS B 383 4.46 -39.04 -27.62
CA CYS B 383 4.50 -39.11 -26.13
C CYS B 383 5.57 -40.13 -25.72
N VAL B 384 6.64 -39.67 -25.05
CA VAL B 384 7.64 -40.56 -24.38
C VAL B 384 7.35 -40.59 -22.88
N PHE B 385 7.25 -41.79 -22.30
CA PHE B 385 6.83 -42.00 -20.89
C PHE B 385 7.07 -43.46 -20.46
N GLY B 386 7.14 -43.66 -19.15
CA GLY B 386 7.05 -44.98 -18.50
C GLY B 386 6.38 -44.85 -17.15
N CYS B 387 6.44 -45.88 -16.34
CA CYS B 387 5.79 -45.88 -15.00
C CYS B 387 6.79 -46.42 -13.98
N GLY B 388 6.70 -45.87 -12.75
CA GLY B 388 7.63 -46.17 -11.66
C GLY B 388 7.52 -47.64 -11.30
N GLY B 389 8.65 -48.28 -11.01
CA GLY B 389 8.67 -49.69 -10.57
C GLY B 389 8.29 -49.79 -9.10
N ASP B 390 7.83 -50.98 -8.68
CA ASP B 390 7.65 -51.37 -7.24
C ASP B 390 6.63 -50.46 -6.55
N ARG B 391 5.73 -49.81 -7.29
CA ARG B 391 4.65 -48.96 -6.72
C ARG B 391 3.72 -48.42 -7.82
N ASP B 392 2.50 -48.05 -7.41
CA ASP B 392 1.47 -47.37 -8.24
C ASP B 392 1.31 -48.13 -9.57
N LYS B 393 0.92 -49.41 -9.47
CA LYS B 393 0.86 -50.37 -10.60
C LYS B 393 -0.48 -50.27 -11.34
N GLY B 394 -1.55 -49.86 -10.65
CA GLY B 394 -2.90 -49.72 -11.23
C GLY B 394 -2.98 -48.73 -12.38
N LYS B 395 -2.26 -47.60 -12.28
CA LYS B 395 -2.29 -46.51 -13.30
C LYS B 395 -1.70 -46.98 -14.65
N ARG B 396 -0.93 -48.07 -14.67
CA ARG B 396 -0.05 -48.41 -15.81
C ARG B 396 -0.84 -48.59 -17.10
N PRO B 397 -1.87 -49.45 -17.17
CA PRO B 397 -2.62 -49.61 -18.42
C PRO B 397 -3.47 -48.38 -18.76
N LEU B 398 -3.82 -47.57 -17.78
CA LEU B 398 -4.62 -46.33 -17.97
C LEU B 398 -3.74 -45.27 -18.65
N MET B 399 -2.47 -45.22 -18.29
N MET B 399 -2.48 -45.18 -18.20
CA MET B 399 -1.49 -44.30 -18.91
CA MET B 399 -1.41 -44.38 -18.84
C MET B 399 -1.07 -44.79 -20.31
C MET B 399 -1.27 -44.80 -20.30
N GLY B 400 -1.12 -46.11 -20.56
CA GLY B 400 -0.97 -46.65 -21.92
C GLY B 400 -2.12 -46.21 -22.83
N ALA B 401 -3.36 -46.30 -22.33
CA ALA B 401 -4.61 -45.99 -23.08
C ALA B 401 -4.65 -44.49 -23.44
N ILE B 402 -4.26 -43.64 -22.48
CA ILE B 402 -4.17 -42.15 -22.64
C ILE B 402 -3.11 -41.84 -23.69
N ALA B 403 -1.92 -42.45 -23.63
CA ALA B 403 -0.82 -42.19 -24.59
C ALA B 403 -1.32 -42.54 -26.00
N GLU B 404 -1.96 -43.70 -26.13
CA GLU B 404 -2.51 -44.18 -27.42
C GLU B 404 -3.61 -43.23 -27.90
N GLU B 405 -4.49 -42.76 -27.03
CA GLU B 405 -5.69 -41.99 -27.50
C GLU B 405 -5.28 -40.54 -27.81
N PHE B 406 -4.49 -39.88 -26.96
CA PHE B 406 -4.26 -38.41 -27.06
C PHE B 406 -2.91 -38.08 -27.75
N ALA B 407 -2.08 -39.08 -28.05
CA ALA B 407 -0.91 -38.90 -28.91
C ALA B 407 -1.15 -39.67 -30.20
N ASP B 408 -0.39 -39.33 -31.25
CA ASP B 408 -0.29 -40.10 -32.51
C ASP B 408 0.76 -41.20 -32.39
N VAL B 409 1.85 -40.99 -31.63
CA VAL B 409 2.93 -41.99 -31.44
C VAL B 409 3.24 -42.12 -29.93
N ALA B 410 3.04 -43.32 -29.36
CA ALA B 410 3.42 -43.62 -27.96
C ALA B 410 4.82 -44.25 -27.99
N VAL B 411 5.79 -43.69 -27.25
CA VAL B 411 7.14 -44.29 -27.03
C VAL B 411 7.25 -44.75 -25.57
N VAL B 412 7.05 -46.04 -25.32
CA VAL B 412 7.03 -46.59 -23.93
C VAL B 412 8.45 -47.02 -23.54
N THR B 413 8.89 -46.51 -22.40
CA THR B 413 10.28 -46.57 -21.92
C THR B 413 10.26 -46.65 -20.40
N ASP B 414 11.42 -46.54 -19.77
CA ASP B 414 11.57 -46.69 -18.31
C ASP B 414 11.46 -45.33 -17.64
N ASP B 415 11.01 -45.35 -16.39
CA ASP B 415 10.88 -44.19 -15.48
C ASP B 415 11.01 -44.70 -14.04
N ASN B 416 12.20 -44.62 -13.45
CA ASN B 416 12.50 -45.16 -12.09
C ASN B 416 11.96 -46.58 -11.93
N PRO B 417 12.49 -47.57 -12.69
CA PRO B 417 12.03 -48.94 -12.56
C PRO B 417 12.37 -49.61 -11.21
N ARG B 418 13.30 -49.04 -10.43
CA ARG B 418 13.65 -49.51 -9.05
C ARG B 418 14.07 -50.99 -9.14
N THR B 419 13.51 -51.89 -8.30
CA THR B 419 13.95 -53.31 -8.25
C THR B 419 13.16 -54.12 -9.28
N GLU B 420 12.07 -53.56 -9.84
CA GLU B 420 11.18 -54.28 -10.79
C GLU B 420 11.84 -54.39 -12.18
N GLU B 421 11.67 -55.54 -12.82
CA GLU B 421 12.14 -55.82 -14.20
C GLU B 421 11.51 -54.75 -15.11
N PRO B 422 12.31 -53.93 -15.81
CA PRO B 422 11.76 -52.86 -16.67
C PRO B 422 10.70 -53.35 -17.68
N ARG B 423 10.97 -54.48 -18.36
CA ARG B 423 10.06 -55.06 -19.38
C ARG B 423 8.68 -55.35 -18.75
N ALA B 424 8.61 -55.80 -17.50
CA ALA B 424 7.33 -56.16 -16.83
C ALA B 424 6.46 -54.89 -16.70
N ILE B 425 7.07 -53.77 -16.28
CA ILE B 425 6.38 -52.44 -16.19
C ILE B 425 5.81 -52.10 -17.57
N ILE B 426 6.65 -52.19 -18.60
CA ILE B 426 6.28 -51.83 -20.00
C ILE B 426 5.10 -52.67 -20.48
N ASN B 427 5.11 -53.98 -20.20
CA ASN B 427 3.99 -54.90 -20.56
C ASN B 427 2.69 -54.50 -19.83
N ASP B 428 2.75 -54.10 -18.56
CA ASP B 428 1.56 -53.61 -17.83
C ASP B 428 0.95 -52.38 -18.53
N ILE B 429 1.81 -51.50 -19.07
CA ILE B 429 1.38 -50.25 -19.78
C ILE B 429 0.73 -50.65 -21.11
N LEU B 430 1.42 -51.49 -21.89
CA LEU B 430 0.97 -52.02 -23.20
C LEU B 430 -0.39 -52.74 -23.06
N ALA B 431 -0.64 -53.34 -21.89
CA ALA B 431 -1.88 -54.09 -21.57
C ALA B 431 -3.10 -53.19 -21.76
N GLY B 432 -2.95 -51.87 -21.61
CA GLY B 432 -4.07 -50.93 -21.66
C GLY B 432 -4.39 -50.47 -23.07
N MET B 433 -3.58 -50.84 -24.06
CA MET B 433 -3.63 -50.24 -25.42
C MET B 433 -4.43 -51.14 -26.35
N LEU B 434 -5.29 -50.55 -27.17
CA LEU B 434 -6.08 -51.25 -28.21
C LEU B 434 -5.15 -51.73 -29.33
N ASP B 435 -4.02 -51.05 -29.55
CA ASP B 435 -3.06 -51.40 -30.63
C ASP B 435 -1.63 -51.15 -30.16
N ALA B 436 -1.18 -51.99 -29.23
CA ALA B 436 0.17 -51.98 -28.61
C ALA B 436 1.23 -52.19 -29.68
N GLY B 437 0.91 -52.93 -30.74
CA GLY B 437 1.84 -53.17 -31.86
C GLY B 437 2.28 -51.89 -32.57
N HIS B 438 1.48 -50.81 -32.51
CA HIS B 438 1.81 -49.49 -33.10
C HIS B 438 2.63 -48.63 -32.12
N ALA B 439 2.78 -49.07 -30.86
CA ALA B 439 3.61 -48.40 -29.84
C ALA B 439 5.07 -48.67 -30.17
N LYS B 440 5.94 -47.76 -29.81
CA LYS B 440 7.39 -47.94 -29.94
C LYS B 440 7.88 -48.24 -28.54
N VAL B 441 8.57 -49.37 -28.37
CA VAL B 441 9.09 -49.78 -27.04
C VAL B 441 10.61 -49.67 -27.07
N MET B 442 11.16 -48.86 -26.19
CA MET B 442 12.62 -48.78 -26.06
C MET B 442 13.00 -48.63 -24.60
N GLU B 443 13.65 -49.67 -24.09
CA GLU B 443 14.38 -49.65 -22.81
C GLU B 443 15.56 -48.70 -22.98
N GLY B 444 15.92 -48.04 -21.89
CA GLY B 444 16.91 -46.95 -21.89
C GLY B 444 16.19 -45.65 -22.14
N ARG B 445 15.95 -44.86 -21.10
CA ARG B 445 15.12 -43.64 -21.23
C ARG B 445 15.78 -42.69 -22.22
N ALA B 446 17.10 -42.49 -22.12
CA ALA B 446 17.82 -41.50 -22.96
C ALA B 446 17.64 -41.87 -24.45
N GLU B 447 17.74 -43.16 -24.74
CA GLU B 447 17.65 -43.71 -26.11
C GLU B 447 16.21 -43.52 -26.62
N ALA B 448 15.19 -43.73 -25.79
CA ALA B 448 13.77 -43.60 -26.19
C ALA B 448 13.47 -42.13 -26.49
N VAL B 449 13.95 -41.21 -25.66
CA VAL B 449 13.80 -39.75 -25.91
C VAL B 449 14.43 -39.41 -27.26
N THR B 450 15.67 -39.83 -27.45
CA THR B 450 16.45 -39.70 -28.71
C THR B 450 15.66 -40.25 -29.89
N CYS B 451 15.04 -41.42 -29.74
CA CYS B 451 14.17 -42.02 -30.77
C CYS B 451 13.09 -41.03 -31.24
N ALA B 452 12.28 -40.47 -30.33
CA ALA B 452 11.16 -39.57 -30.68
C ALA B 452 11.73 -38.30 -31.30
N VAL B 453 12.74 -37.70 -30.67
CA VAL B 453 13.25 -36.37 -31.09
C VAL B 453 13.94 -36.49 -32.46
N MET B 454 14.74 -37.54 -32.67
N MET B 454 14.70 -37.55 -32.72
CA MET B 454 15.50 -37.75 -33.94
CA MET B 454 15.48 -37.67 -33.98
C MET B 454 14.52 -38.06 -35.08
C MET B 454 14.63 -38.25 -35.11
N GLN B 455 13.46 -38.83 -34.81
CA GLN B 455 12.53 -39.35 -35.85
C GLN B 455 11.43 -38.34 -36.11
N ALA B 456 11.02 -37.58 -35.10
CA ALA B 456 9.91 -36.60 -35.23
C ALA B 456 10.23 -35.62 -36.36
N LYS B 457 9.21 -35.18 -37.11
CA LYS B 457 9.31 -34.11 -38.15
C LYS B 457 9.40 -32.71 -37.51
N GLU B 458 9.86 -31.74 -38.30
CA GLU B 458 10.04 -30.33 -37.90
C GLU B 458 8.75 -29.76 -37.27
N ASN B 459 7.60 -30.13 -37.80
CA ASN B 459 6.29 -29.56 -37.35
C ASN B 459 5.62 -30.51 -36.37
N ASP B 460 6.36 -31.51 -35.86
CA ASP B 460 5.83 -32.43 -34.82
C ASP B 460 6.13 -31.82 -33.46
N VAL B 461 5.50 -32.36 -32.42
CA VAL B 461 5.75 -32.03 -30.98
C VAL B 461 6.00 -33.38 -30.30
N VAL B 462 7.06 -33.44 -29.52
CA VAL B 462 7.37 -34.57 -28.61
C VAL B 462 7.11 -34.13 -27.17
N LEU B 463 6.16 -34.78 -26.51
CA LEU B 463 6.00 -34.64 -25.04
C LEU B 463 6.87 -35.70 -24.35
N VAL B 464 7.73 -35.27 -23.45
CA VAL B 464 8.53 -36.19 -22.58
C VAL B 464 7.99 -36.06 -21.17
N ALA B 465 7.21 -37.06 -20.75
CA ALA B 465 6.38 -37.00 -19.52
C ALA B 465 7.01 -37.84 -18.40
N GLY B 466 6.90 -37.36 -17.15
CA GLY B 466 6.97 -38.23 -15.96
C GLY B 466 8.03 -37.80 -14.97
N LYS B 467 8.99 -36.98 -15.38
CA LYS B 467 10.14 -36.58 -14.53
C LYS B 467 10.13 -35.07 -14.24
N GLY B 468 9.75 -34.25 -15.22
CA GLY B 468 9.80 -32.78 -15.10
C GLY B 468 11.21 -32.33 -14.79
N HIS B 469 11.38 -31.67 -13.63
CA HIS B 469 12.63 -31.10 -13.07
C HIS B 469 13.59 -32.19 -12.53
N GLU B 470 13.10 -33.40 -12.21
CA GLU B 470 13.91 -34.53 -11.64
C GLU B 470 15.21 -34.67 -12.43
N ASP B 471 16.32 -35.01 -11.76
CA ASP B 471 17.66 -35.14 -12.39
C ASP B 471 18.26 -36.51 -12.07
N TYR B 472 17.43 -37.52 -11.80
CA TYR B 472 17.85 -38.89 -11.44
C TYR B 472 16.91 -39.95 -12.03
N GLN B 473 17.47 -41.15 -12.17
CA GLN B 473 16.73 -42.38 -12.57
C GLN B 473 17.03 -43.46 -11.52
N ILE B 474 16.03 -43.85 -10.74
CA ILE B 474 16.18 -44.87 -9.66
C ILE B 474 16.18 -46.25 -10.34
N VAL B 475 17.36 -46.87 -10.43
CA VAL B 475 17.59 -48.31 -10.77
C VAL B 475 18.12 -48.99 -9.51
N GLY B 476 17.64 -50.20 -9.20
CA GLY B 476 17.82 -50.82 -7.87
C GLY B 476 17.32 -49.88 -6.79
N ASN B 477 18.20 -49.45 -5.86
CA ASN B 477 17.91 -48.38 -4.86
C ASN B 477 18.83 -47.18 -5.07
N GLN B 478 19.63 -47.21 -6.15
CA GLN B 478 20.64 -46.18 -6.54
C GLN B 478 19.98 -45.07 -7.41
N ARG B 479 20.43 -43.82 -7.23
CA ARG B 479 19.97 -42.65 -8.03
C ARG B 479 21.01 -42.28 -9.09
N LEU B 480 20.93 -42.91 -10.26
CA LEU B 480 21.78 -42.61 -11.45
C LEU B 480 21.46 -41.19 -11.93
N ASP B 481 22.49 -40.38 -12.18
CA ASP B 481 22.38 -39.03 -12.80
C ASP B 481 21.75 -39.24 -14.18
N TYR B 482 20.58 -38.64 -14.38
CA TYR B 482 19.86 -38.60 -15.68
C TYR B 482 18.83 -37.45 -15.63
N SER B 483 18.80 -36.63 -16.69
CA SER B 483 17.84 -35.51 -16.84
C SER B 483 17.19 -35.51 -18.23
N ASP B 484 15.86 -35.55 -18.27
CA ASP B 484 15.01 -35.30 -19.46
C ASP B 484 15.38 -33.95 -20.07
N ARG B 485 15.52 -32.91 -19.26
CA ARG B 485 15.79 -31.53 -19.74
C ARG B 485 17.16 -31.49 -20.41
N VAL B 486 18.18 -32.06 -19.76
CA VAL B 486 19.57 -32.03 -20.29
C VAL B 486 19.58 -32.84 -21.58
N THR B 487 18.99 -34.04 -21.58
CA THR B 487 18.97 -34.97 -22.74
C THR B 487 18.38 -34.23 -23.94
N VAL B 488 17.20 -33.63 -23.75
CA VAL B 488 16.47 -32.89 -24.81
C VAL B 488 17.30 -31.69 -25.31
N ALA B 489 17.80 -30.87 -24.39
CA ALA B 489 18.63 -29.67 -24.69
C ALA B 489 19.81 -30.05 -25.59
N ARG B 490 20.51 -31.13 -25.27
CA ARG B 490 21.70 -31.61 -26.02
C ARG B 490 21.28 -32.17 -27.39
N LEU B 491 20.14 -32.87 -27.51
CA LEU B 491 19.66 -33.40 -28.81
C LEU B 491 19.27 -32.24 -29.72
N LEU B 492 18.79 -31.15 -29.13
CA LEU B 492 18.28 -30.02 -29.92
C LEU B 492 19.44 -29.05 -30.20
N GLY B 493 20.60 -29.26 -29.55
CA GLY B 493 21.78 -28.38 -29.66
C GLY B 493 21.58 -27.03 -28.98
N VAL B 494 20.77 -26.99 -27.92
CA VAL B 494 20.48 -25.77 -27.09
C VAL B 494 21.08 -25.97 -25.69
N ILE B 495 20.55 -25.29 -24.66
CA ILE B 495 21.01 -25.33 -23.24
C ILE B 495 19.79 -25.43 -22.30
N ALA B 496 19.72 -26.49 -21.49
CA ALA B 496 18.62 -26.80 -20.54
C ALA B 496 18.47 -25.63 -19.57
#